data_4J4H
#
_entry.id   4J4H
#
_cell.length_a   87.250
_cell.length_b   260.980
_cell.length_c   48.600
_cell.angle_alpha   90.00
_cell.angle_beta   90.00
_cell.angle_gamma   90.00
#
_symmetry.space_group_name_H-M   'P 21 21 2'
#
loop_
_entity.id
_entity.type
_entity.pdbx_description
1 polymer PylD
2 non-polymer '1,4-DIHYDRONICOTINAMIDE ADENINE DINUCLEOTIDE'
3 non-polymer N~6~-[(2R)-3,4-dihydro-2H-pyrrol-2-ylcarbonyl]-L-lysine
4 non-polymer 'SODIUM ION'
5 non-polymer 'MAGNESIUM ION'
6 water water
#
_entity_poly.entity_id   1
_entity_poly.type   'polypeptide(L)'
_entity_poly.pdbx_seq_one_letter_code
;MALLTPDDLININMQLQKADSAVQEVTGLDIKGICKALYGTFSSSEKVGIVPVTSGNGIIGNFSASLHAITQYFGFDSFV
TDMPDVSGYYEAVQNGAEIILMADDRTFLAHNLKNGKMANNQPCTGIIYAEIASRYLKADSKDVLVVGLGKVGFPGAEHL
VQKDFRVYGYDADETLLERATSNLGIIPFDPANPKKFSIIFEATPCANTIPEAVLSENCVLSTPGIPCAISEELRDKYEV
QLIAEPLGIGTASMLYSVL
;
_entity_poly.pdbx_strand_id   A,B,C,D
#
loop_
_chem_comp.id
_chem_comp.type
_chem_comp.name
_chem_comp.formula
1J1 non-polymer N~6~-[(2R)-3,4-dihydro-2H-pyrrol-2-ylcarbonyl]-L-lysine 'C11 H19 N3 O3'
MG non-polymer 'MAGNESIUM ION' 'Mg 2'
NA non-polymer 'SODIUM ION' 'Na 1'
NAI non-polymer '1,4-DIHYDRONICOTINAMIDE ADENINE DINUCLEOTIDE' 'C21 H29 N7 O14 P2'
#
# COMPACT_ATOMS: atom_id res chain seq x y z
N MET A 1 -5.74 2.49 -3.80
CA MET A 1 -4.64 1.48 -3.69
C MET A 1 -4.84 0.34 -4.70
N ALA A 2 -3.78 0.05 -5.45
CA ALA A 2 -3.78 -1.04 -6.42
C ALA A 2 -2.42 -1.73 -6.44
N LEU A 3 -2.39 -2.96 -5.93
CA LEU A 3 -1.14 -3.70 -5.76
C LEU A 3 -0.92 -4.76 -6.84
N LEU A 4 0.34 -5.13 -7.04
CA LEU A 4 0.72 -6.19 -7.95
C LEU A 4 0.09 -7.53 -7.58
N THR A 5 -0.24 -8.32 -8.60
CA THR A 5 -0.69 -9.68 -8.40
C THR A 5 0.41 -10.62 -8.92
N PRO A 6 0.43 -11.88 -8.44
CA PRO A 6 1.41 -12.85 -8.94
C PRO A 6 1.40 -13.02 -10.46
N ASP A 7 0.22 -12.91 -11.07
CA ASP A 7 0.09 -13.02 -12.53
C ASP A 7 0.76 -11.89 -13.28
N ASP A 8 0.81 -10.70 -12.68
CA ASP A 8 1.52 -9.55 -13.26
C ASP A 8 3.00 -9.85 -13.46
N LEU A 9 3.54 -10.73 -12.62
CA LEU A 9 4.98 -10.93 -12.51
C LEU A 9 5.51 -12.21 -13.17
N ILE A 10 4.65 -12.90 -13.92
CA ILE A 10 5.06 -14.12 -14.63
C ILE A 10 6.11 -13.79 -15.69
N ASN A 11 7.14 -14.65 -15.77
CA ASN A 11 8.31 -14.46 -16.64
C ASN A 11 8.85 -13.03 -16.61
N ILE A 12 9.22 -12.60 -15.41
CA ILE A 12 9.72 -11.24 -15.20
C ILE A 12 10.96 -10.95 -16.05
N ASN A 13 11.83 -11.93 -16.26
CA ASN A 13 13.02 -11.75 -17.08
C ASN A 13 12.70 -11.38 -18.52
N MET A 14 11.71 -12.07 -19.11
CA MET A 14 11.27 -11.73 -20.46
C MET A 14 10.60 -10.35 -20.48
N GLN A 15 9.78 -10.05 -19.47
CA GLN A 15 9.13 -8.74 -19.41
C GLN A 15 10.18 -7.62 -19.37
N LEU A 16 11.23 -7.83 -18.58
CA LEU A 16 12.30 -6.85 -18.45
C LEU A 16 13.12 -6.70 -19.74
N GLN A 17 13.44 -7.84 -20.37
CA GLN A 17 14.15 -7.84 -21.64
C GLN A 17 13.39 -7.05 -22.71
N LYS A 18 12.09 -7.32 -22.82
CA LYS A 18 11.23 -6.63 -23.79
C LYS A 18 11.16 -5.13 -23.49
N ALA A 19 11.05 -4.78 -22.21
CA ALA A 19 10.97 -3.38 -21.80
C ALA A 19 12.27 -2.66 -22.16
N ASP A 20 13.40 -3.32 -21.90
CA ASP A 20 14.70 -2.74 -22.20
C ASP A 20 14.87 -2.51 -23.70
N SER A 21 14.45 -3.49 -24.52
CA SER A 21 14.48 -3.33 -25.98
C SER A 21 13.63 -2.16 -26.46
N ALA A 22 12.46 -1.99 -25.84
CA ALA A 22 11.56 -0.90 -26.18
C ALA A 22 12.16 0.45 -25.80
N VAL A 23 12.75 0.52 -24.61
CA VAL A 23 13.38 1.76 -24.11
C VAL A 23 14.54 2.16 -25.04
N GLN A 24 15.31 1.16 -25.47
CA GLN A 24 16.41 1.38 -26.40
C GLN A 24 15.94 1.89 -27.77
N GLU A 25 14.87 1.29 -28.28
CA GLU A 25 14.27 1.72 -29.55
C GLU A 25 13.80 3.18 -29.48
N VAL A 26 13.11 3.52 -28.39
CA VAL A 26 12.51 4.85 -28.21
C VAL A 26 13.54 5.94 -27.91
N THR A 27 14.50 5.65 -27.03
CA THR A 27 15.38 6.68 -26.49
C THR A 27 16.83 6.64 -27.00
N GLY A 28 17.24 5.49 -27.53
CA GLY A 28 18.64 5.28 -27.91
C GLY A 28 19.50 4.80 -26.75
N LEU A 29 18.90 4.66 -25.57
CA LEU A 29 19.60 4.19 -24.37
C LEU A 29 18.89 2.98 -23.77
N ASP A 30 19.63 2.10 -23.12
CA ASP A 30 19.00 1.05 -22.33
C ASP A 30 18.60 1.59 -20.95
N ILE A 31 17.93 0.78 -20.14
CA ILE A 31 17.48 1.22 -18.81
C ILE A 31 18.66 1.71 -17.95
N LYS A 32 19.80 1.02 -18.04
CA LYS A 32 21.02 1.44 -17.35
C LYS A 32 21.46 2.84 -17.78
N GLY A 33 21.39 3.10 -19.09
CA GLY A 33 21.72 4.41 -19.66
C GLY A 33 20.78 5.51 -19.20
N ILE A 34 19.49 5.19 -19.10
CA ILE A 34 18.47 6.12 -18.60
C ILE A 34 18.77 6.47 -17.14
N CYS A 35 19.09 5.46 -16.34
CA CYS A 35 19.39 5.66 -14.93
C CYS A 35 20.65 6.50 -14.76
N LYS A 36 21.61 6.27 -15.65
CA LYS A 36 22.86 7.04 -15.71
C LYS A 36 22.61 8.51 -16.02
N ALA A 37 21.70 8.79 -16.95
CA ALA A 37 21.33 10.16 -17.28
C ALA A 37 20.57 10.85 -16.14
N LEU A 38 19.75 10.08 -15.41
CA LEU A 38 19.00 10.61 -14.28
C LEU A 38 19.84 10.86 -13.04
N TYR A 39 20.75 9.93 -12.74
CA TYR A 39 21.42 9.91 -11.44
C TYR A 39 22.95 9.98 -11.50
N GLY A 40 23.50 9.70 -12.68
CA GLY A 40 24.95 9.72 -12.86
C GLY A 40 25.64 8.48 -12.34
N THR A 41 24.85 7.47 -11.98
CA THR A 41 25.37 6.28 -11.30
C THR A 41 25.38 5.04 -12.18
N PHE A 42 26.18 4.06 -11.75
CA PHE A 42 26.28 2.75 -12.37
C PHE A 42 26.47 1.72 -11.27
N SER A 43 26.07 0.47 -11.51
CA SER A 43 26.19 -0.58 -10.49
C SER A 43 27.61 -1.11 -10.39
N SER A 44 28.01 -1.49 -9.18
CA SER A 44 29.31 -2.14 -8.93
C SER A 44 29.16 -3.34 -8.00
N SER A 45 28.18 -4.20 -8.32
CA SER A 45 27.90 -5.41 -7.55
C SER A 45 27.59 -5.15 -6.07
N GLU A 46 26.96 -4.01 -5.78
CA GLU A 46 26.55 -3.70 -4.41
C GLU A 46 25.62 -4.78 -3.89
N LYS A 47 25.76 -5.11 -2.61
CA LYS A 47 24.98 -6.20 -2.03
C LYS A 47 23.59 -5.70 -1.64
N VAL A 48 22.56 -6.36 -2.19
CA VAL A 48 21.18 -5.95 -1.98
C VAL A 48 20.40 -7.02 -1.26
N GLY A 49 19.92 -6.69 -0.06
CA GLY A 49 19.10 -7.62 0.73
C GLY A 49 17.63 -7.35 0.50
N ILE A 50 16.92 -8.37 0.02
CA ILE A 50 15.49 -8.27 -0.28
C ILE A 50 14.74 -8.97 0.85
N VAL A 51 13.90 -8.21 1.54
CA VAL A 51 13.19 -8.69 2.73
C VAL A 51 11.70 -8.83 2.46
N PRO A 52 11.19 -10.08 2.46
CA PRO A 52 9.73 -10.26 2.30
C PRO A 52 9.00 -9.67 3.50
N VAL A 53 7.81 -9.12 3.25
CA VAL A 53 7.05 -8.43 4.30
C VAL A 53 5.60 -8.95 4.34
N THR A 54 5.17 -9.38 5.52
CA THR A 54 3.85 -10.00 5.69
C THR A 54 2.76 -8.99 6.08
N SER A 55 3.14 -7.72 6.17
CA SER A 55 2.24 -6.62 6.55
C SER A 55 1.04 -6.48 5.63
N GLY A 56 -0.10 -6.08 6.18
CA GLY A 56 -1.29 -5.78 5.39
C GLY A 56 -1.82 -6.97 4.61
N ASN A 57 -1.91 -6.83 3.29
CA ASN A 57 -2.36 -7.91 2.42
C ASN A 57 -1.36 -9.07 2.37
N GLY A 58 -0.15 -8.82 2.86
CA GLY A 58 0.85 -9.87 3.05
C GLY A 58 1.79 -10.08 1.87
N ILE A 59 2.52 -11.19 1.93
CA ILE A 59 3.48 -11.54 0.88
C ILE A 59 2.73 -11.78 -0.44
N ILE A 60 3.24 -11.16 -1.50
CA ILE A 60 2.69 -11.32 -2.84
C ILE A 60 3.51 -12.38 -3.58
N GLY A 61 2.84 -13.42 -4.07
CA GLY A 61 3.51 -14.44 -4.88
C GLY A 61 4.31 -13.82 -6.00
N ASN A 62 5.53 -14.34 -6.22
CA ASN A 62 6.45 -13.85 -7.26
C ASN A 62 7.16 -12.52 -6.96
N PHE A 63 6.75 -11.80 -5.91
CA PHE A 63 7.31 -10.47 -5.64
C PHE A 63 8.80 -10.47 -5.33
N SER A 64 9.20 -11.15 -4.26
CA SER A 64 10.63 -11.20 -3.89
C SER A 64 11.47 -11.90 -4.96
N ALA A 65 10.94 -12.95 -5.56
CA ALA A 65 11.63 -13.65 -6.65
C ALA A 65 11.86 -12.73 -7.86
N SER A 66 10.87 -11.88 -8.16
CA SER A 66 11.01 -10.91 -9.23
C SER A 66 12.05 -9.86 -8.89
N LEU A 67 12.05 -9.35 -7.66
CA LEU A 67 13.06 -8.41 -7.22
C LEU A 67 14.47 -9.03 -7.28
N HIS A 68 14.54 -10.31 -6.94
CA HIS A 68 15.77 -11.08 -7.00
C HIS A 68 16.31 -11.07 -8.43
N ALA A 69 15.43 -11.36 -9.39
CA ALA A 69 15.78 -11.38 -10.82
C ALA A 69 16.15 -9.99 -11.34
N ILE A 70 15.36 -8.97 -10.97
CA ILE A 70 15.57 -7.59 -11.43
C ILE A 70 16.93 -7.06 -10.98
N THR A 71 17.25 -7.26 -9.71
CA THR A 71 18.52 -6.79 -9.16
C THR A 71 19.73 -7.48 -9.79
N GLN A 72 19.62 -8.80 -10.03
CA GLN A 72 20.69 -9.55 -10.71
C GLN A 72 20.87 -9.03 -12.14
N TYR A 73 19.76 -8.75 -12.82
CA TYR A 73 19.76 -8.20 -14.18
C TYR A 73 20.60 -6.92 -14.29
N PHE A 74 20.48 -6.04 -13.29
CA PHE A 74 21.21 -4.76 -13.31
C PHE A 74 22.61 -4.80 -12.69
N GLY A 75 23.05 -6.00 -12.33
CA GLY A 75 24.42 -6.23 -11.88
C GLY A 75 24.65 -6.18 -10.38
N PHE A 76 23.57 -6.25 -9.60
CA PHE A 76 23.69 -6.21 -8.14
C PHE A 76 23.86 -7.61 -7.56
N ASP A 77 24.56 -7.69 -6.43
CA ASP A 77 24.76 -8.93 -5.70
C ASP A 77 23.61 -9.08 -4.71
N SER A 78 22.46 -9.53 -5.21
CA SER A 78 21.26 -9.54 -4.39
C SER A 78 20.98 -10.90 -3.79
N PHE A 79 20.20 -10.90 -2.71
CA PHE A 79 19.71 -12.12 -2.07
C PHE A 79 18.38 -11.83 -1.38
N VAL A 80 17.59 -12.89 -1.20
CA VAL A 80 16.31 -12.78 -0.50
C VAL A 80 16.44 -13.48 0.84
N THR A 81 15.98 -12.82 1.91
CA THR A 81 16.10 -13.40 3.25
C THR A 81 15.09 -14.54 3.45
N ASP A 82 15.49 -15.52 4.25
CA ASP A 82 14.60 -16.62 4.67
C ASP A 82 13.43 -16.12 5.49
N MET A 83 13.76 -15.31 6.50
CA MET A 83 12.75 -14.76 7.39
C MET A 83 12.13 -13.49 6.81
N PRO A 84 10.85 -13.23 7.12
CA PRO A 84 10.24 -11.98 6.72
C PRO A 84 10.38 -10.89 7.78
N ASP A 85 9.93 -9.67 7.44
CA ASP A 85 9.70 -8.60 8.40
C ASP A 85 10.96 -8.16 9.16
N VAL A 86 10.85 -7.95 10.47
CA VAL A 86 11.99 -7.50 11.29
C VAL A 86 13.10 -8.56 11.35
N SER A 87 12.71 -9.82 11.55
CA SER A 87 13.66 -10.94 11.53
C SER A 87 14.45 -10.99 10.21
N GLY A 88 13.74 -10.76 9.10
CA GLY A 88 14.36 -10.70 7.77
C GLY A 88 15.28 -9.52 7.61
N TYR A 89 14.85 -8.35 8.10
CA TYR A 89 15.70 -7.16 8.11
C TYR A 89 17.02 -7.42 8.84
N TYR A 90 16.93 -8.02 10.03
CA TYR A 90 18.09 -8.40 10.82
C TYR A 90 19.00 -9.33 9.99
N GLU A 91 18.38 -10.35 9.39
CA GLU A 91 19.09 -11.32 8.56
C GLU A 91 19.86 -10.63 7.43
N ALA A 92 19.19 -9.69 6.75
CA ALA A 92 19.78 -8.96 5.64
C ALA A 92 21.01 -8.17 6.09
N VAL A 93 20.89 -7.42 7.18
CA VAL A 93 21.99 -6.61 7.68
C VAL A 93 23.16 -7.49 8.14
N GLN A 94 22.85 -8.56 8.89
CA GLN A 94 23.85 -9.50 9.37
C GLN A 94 24.59 -10.17 8.21
N ASN A 95 23.89 -10.40 7.10
CA ASN A 95 24.49 -11.04 5.92
C ASN A 95 25.16 -10.06 4.96
N GLY A 96 25.32 -8.82 5.42
CA GLY A 96 26.14 -7.84 4.70
C GLY A 96 25.46 -7.00 3.64
N ALA A 97 24.12 -6.96 3.64
CA ALA A 97 23.41 -6.09 2.71
C ALA A 97 23.91 -4.65 2.83
N GLU A 98 24.18 -4.02 1.69
CA GLU A 98 24.50 -2.60 1.64
C GLU A 98 23.24 -1.80 1.37
N ILE A 99 22.34 -2.39 0.58
CA ILE A 99 21.05 -1.78 0.27
C ILE A 99 19.95 -2.73 0.73
N ILE A 100 18.95 -2.18 1.42
CA ILE A 100 17.76 -2.94 1.82
C ILE A 100 16.63 -2.60 0.89
N LEU A 101 15.99 -3.63 0.34
CA LEU A 101 14.88 -3.47 -0.57
C LEU A 101 13.70 -4.22 0.06
N MET A 102 12.62 -3.50 0.35
CA MET A 102 11.45 -4.08 1.00
C MET A 102 10.19 -3.22 0.80
N ALA A 103 9.02 -3.85 0.90
CA ALA A 103 7.76 -3.17 0.62
C ALA A 103 6.63 -3.66 1.50
N ASP A 104 5.84 -2.72 2.04
CA ASP A 104 4.51 -3.05 2.54
C ASP A 104 3.48 -2.55 1.52
N ASP A 105 2.20 -2.53 1.89
CA ASP A 105 1.15 -2.15 0.94
C ASP A 105 1.20 -0.68 0.52
N ARG A 106 1.85 0.15 1.33
CA ARG A 106 1.86 1.61 1.11
C ARG A 106 3.21 2.18 0.66
N THR A 107 4.29 1.47 0.98
CA THR A 107 5.64 1.97 0.71
C THR A 107 6.57 0.86 0.25
N PHE A 108 7.22 1.08 -0.89
CA PHE A 108 8.25 0.20 -1.40
C PHE A 108 9.51 1.04 -1.44
N LEU A 109 10.50 0.65 -0.64
CA LEU A 109 11.70 1.46 -0.46
C LEU A 109 12.99 0.73 -0.78
N ALA A 110 14.02 1.53 -1.08
CA ALA A 110 15.39 1.07 -1.15
C ALA A 110 16.20 1.97 -0.23
N HIS A 111 16.89 1.35 0.74
CA HIS A 111 17.72 2.12 1.68
C HIS A 111 19.17 1.70 1.58
N ASN A 112 20.02 2.63 1.14
CA ASN A 112 21.46 2.40 1.07
C ASN A 112 22.05 2.71 2.43
N LEU A 113 22.52 1.67 3.12
CA LEU A 113 23.05 1.80 4.48
C LEU A 113 24.44 2.42 4.49
N LYS A 114 25.10 2.40 3.34
CA LYS A 114 26.47 2.89 3.24
C LYS A 114 26.52 4.42 3.12
N ASN A 115 25.57 5.00 2.38
CA ASN A 115 25.56 6.44 2.17
C ASN A 115 24.30 7.14 2.72
N GLY A 116 23.38 6.35 3.25
CA GLY A 116 22.17 6.90 3.87
C GLY A 116 21.06 7.34 2.92
N LYS A 117 21.26 7.17 1.62
CA LYS A 117 20.23 7.55 0.65
C LYS A 117 19.07 6.55 0.68
N MET A 118 17.85 7.06 0.57
CA MET A 118 16.67 6.21 0.59
C MET A 118 15.70 6.64 -0.51
N ALA A 119 15.17 5.65 -1.24
CA ALA A 119 14.28 5.90 -2.36
C ALA A 119 12.88 5.39 -2.07
N ASN A 120 11.88 6.08 -2.57
CA ASN A 120 10.50 5.61 -2.55
C ASN A 120 10.08 5.24 -3.98
N ASN A 121 9.48 4.06 -4.13
CA ASN A 121 9.09 3.54 -5.44
C ASN A 121 8.21 4.47 -6.27
N GLN A 122 7.33 5.21 -5.60
CA GLN A 122 6.36 6.04 -6.30
C GLN A 122 6.98 7.17 -7.11
N PRO A 123 7.71 8.10 -6.46
CA PRO A 123 8.41 9.12 -7.25
C PRO A 123 9.48 8.54 -8.20
N CYS A 124 10.20 7.51 -7.76
CA CYS A 124 11.21 6.89 -8.63
C CYS A 124 10.63 6.35 -9.93
N THR A 125 9.47 5.69 -9.84
CA THR A 125 8.76 5.14 -10.99
C THR A 125 8.24 6.26 -11.89
N GLY A 126 7.62 7.27 -11.30
CA GLY A 126 7.09 8.42 -12.06
C GLY A 126 8.17 9.13 -12.85
N ILE A 127 9.29 9.38 -12.17
CA ILE A 127 10.43 10.07 -12.77
C ILE A 127 11.01 9.28 -13.95
N ILE A 128 11.27 7.99 -13.76
CA ILE A 128 11.92 7.22 -14.82
C ILE A 128 11.01 7.04 -16.05
N TYR A 129 9.73 6.74 -15.82
CA TYR A 129 8.80 6.55 -16.94
C TYR A 129 8.56 7.87 -17.69
N ALA A 130 8.52 8.98 -16.96
CA ALA A 130 8.40 10.29 -17.58
C ALA A 130 9.68 10.65 -18.34
N GLU A 131 10.83 10.30 -17.76
CA GLU A 131 12.12 10.53 -18.42
C GLU A 131 12.21 9.78 -19.75
N ILE A 132 11.85 8.49 -19.72
CA ILE A 132 11.85 7.66 -20.92
C ILE A 132 10.94 8.25 -22.01
N ALA A 133 9.74 8.66 -21.62
CA ALA A 133 8.79 9.28 -22.54
C ALA A 133 9.40 10.52 -23.22
N SER A 134 10.01 11.37 -22.40
CA SER A 134 10.57 12.64 -22.84
C SER A 134 11.77 12.50 -23.78
N ARG A 135 12.42 11.34 -23.74
CA ARG A 135 13.61 11.09 -24.54
C ARG A 135 13.31 10.38 -25.87
N TYR A 136 12.02 10.32 -26.21
CA TYR A 136 11.59 9.77 -27.50
C TYR A 136 12.27 10.53 -28.64
N LEU A 137 13.16 9.83 -29.34
CA LEU A 137 14.06 10.43 -30.32
C LEU A 137 13.35 11.10 -31.49
N LYS A 138 12.21 10.53 -31.88
CA LYS A 138 11.47 11.02 -33.04
C LYS A 138 10.22 11.82 -32.65
N ALA A 139 10.26 12.41 -31.45
CA ALA A 139 9.11 13.15 -30.91
C ALA A 139 8.68 14.35 -31.75
N ASP A 140 9.64 15.18 -32.16
CA ASP A 140 9.36 16.38 -32.97
C ASP A 140 8.58 17.46 -32.20
N SER A 141 8.31 17.20 -30.91
CA SER A 141 7.52 18.10 -30.08
C SER A 141 7.92 17.98 -28.59
N LYS A 142 7.81 19.08 -27.86
CA LYS A 142 8.06 19.07 -26.43
C LYS A 142 6.77 19.07 -25.61
N ASP A 143 5.65 18.83 -26.30
CA ASP A 143 4.36 18.67 -25.63
C ASP A 143 4.27 17.26 -25.08
N VAL A 144 3.93 17.15 -23.80
CA VAL A 144 3.74 15.86 -23.16
C VAL A 144 2.39 15.83 -22.46
N LEU A 145 1.65 14.75 -22.68
CA LEU A 145 0.37 14.54 -22.01
C LEU A 145 0.57 13.57 -20.85
N VAL A 146 0.12 13.98 -19.67
CA VAL A 146 0.22 13.17 -18.45
C VAL A 146 -1.18 12.80 -18.00
N VAL A 147 -1.48 11.51 -18.04
CA VAL A 147 -2.79 11.01 -17.63
C VAL A 147 -2.64 10.26 -16.31
N GLY A 148 -3.21 10.83 -15.26
CA GLY A 148 -3.07 10.27 -13.92
C GLY A 148 -2.07 11.09 -13.14
N LEU A 149 -2.54 11.74 -12.07
CA LEU A 149 -1.72 12.68 -11.32
C LEU A 149 -1.63 12.32 -9.83
N GLY A 150 -1.60 11.01 -9.55
CA GLY A 150 -1.51 10.50 -8.19
C GLY A 150 -0.08 10.35 -7.70
N LYS A 151 0.16 9.31 -6.90
CA LYS A 151 1.48 9.08 -6.28
C LYS A 151 2.62 8.94 -7.28
N VAL A 152 2.34 8.28 -8.40
CA VAL A 152 3.33 8.08 -9.45
C VAL A 152 3.26 9.20 -10.49
N GLY A 153 2.04 9.58 -10.88
CA GLY A 153 1.83 10.61 -11.91
C GLY A 153 2.34 12.00 -11.58
N PHE A 154 2.04 12.47 -10.35
CA PHE A 154 2.46 13.81 -9.92
C PHE A 154 3.99 14.03 -9.99
N PRO A 155 4.80 13.15 -9.35
CA PRO A 155 6.25 13.33 -9.48
C PRO A 155 6.78 13.19 -10.91
N GLY A 156 6.10 12.38 -11.74
CA GLY A 156 6.44 12.29 -13.16
C GLY A 156 6.24 13.62 -13.86
N ALA A 157 5.08 14.22 -13.65
CA ALA A 157 4.76 15.53 -14.21
C ALA A 157 5.73 16.60 -13.70
N GLU A 158 6.00 16.57 -12.39
CA GLU A 158 6.96 17.47 -11.77
C GLU A 158 8.33 17.40 -12.44
N HIS A 159 8.79 16.18 -12.71
CA HIS A 159 10.07 15.95 -13.37
C HIS A 159 10.09 16.59 -14.76
N LEU A 160 9.02 16.36 -15.51
CA LEU A 160 8.90 16.86 -16.88
C LEU A 160 8.88 18.39 -16.92
N VAL A 161 8.21 19.01 -15.94
CA VAL A 161 8.22 20.47 -15.80
C VAL A 161 9.63 20.97 -15.53
N GLN A 162 10.35 20.27 -14.63
CA GLN A 162 11.73 20.65 -14.31
C GLN A 162 12.66 20.48 -15.52
N LYS A 163 12.38 19.47 -16.34
CA LYS A 163 13.17 19.21 -17.56
C LYS A 163 12.78 20.14 -18.73
N ASP A 164 11.90 21.09 -18.45
CA ASP A 164 11.53 22.17 -19.40
C ASP A 164 10.65 21.69 -20.56
N PHE A 165 9.79 20.70 -20.29
CA PHE A 165 8.79 20.27 -21.25
C PHE A 165 7.48 21.02 -21.06
N ARG A 166 6.68 21.10 -22.12
CA ARG A 166 5.35 21.69 -22.04
C ARG A 166 4.37 20.59 -21.62
N VAL A 167 3.99 20.62 -20.34
CA VAL A 167 3.24 19.53 -19.74
C VAL A 167 1.75 19.81 -19.66
N TYR A 168 0.98 18.94 -20.29
CA TYR A 168 -0.49 18.95 -20.19
C TYR A 168 -0.87 17.80 -19.28
N GLY A 169 -1.79 18.05 -18.35
CA GLY A 169 -2.17 17.02 -17.39
C GLY A 169 -3.65 16.77 -17.28
N TYR A 170 -4.01 15.50 -17.11
CA TYR A 170 -5.38 15.12 -16.82
C TYR A 170 -5.49 14.08 -15.72
N ASP A 171 -6.44 14.30 -14.82
CA ASP A 171 -6.85 13.30 -13.85
C ASP A 171 -8.36 13.36 -13.75
N ALA A 172 -8.99 12.18 -13.64
CA ALA A 172 -10.44 12.07 -13.51
C ALA A 172 -10.95 12.68 -12.20
N ASP A 173 -10.10 12.65 -11.17
CA ASP A 173 -10.39 13.32 -9.91
C ASP A 173 -10.01 14.80 -10.03
N GLU A 174 -11.03 15.66 -10.00
CA GLU A 174 -10.88 17.11 -10.17
C GLU A 174 -9.89 17.76 -9.18
N THR A 175 -9.89 17.28 -7.95
CA THR A 175 -9.03 17.82 -6.89
C THR A 175 -7.56 17.57 -7.17
N LEU A 176 -7.24 16.35 -7.62
CA LEU A 176 -5.88 15.99 -7.99
C LEU A 176 -5.38 16.80 -9.18
N LEU A 177 -6.25 17.07 -10.15
CA LEU A 177 -5.89 17.90 -11.30
C LEU A 177 -5.59 19.33 -10.85
N GLU A 178 -6.47 19.87 -10.00
CA GLU A 178 -6.34 21.23 -9.48
C GLU A 178 -5.06 21.38 -8.66
N ARG A 179 -4.75 20.38 -7.85
CA ARG A 179 -3.54 20.36 -7.04
C ARG A 179 -2.28 20.38 -7.90
N ALA A 180 -2.29 19.58 -8.98
CA ALA A 180 -1.15 19.54 -9.91
C ALA A 180 -0.98 20.86 -10.66
N THR A 181 -2.09 21.47 -11.07
CA THR A 181 -2.04 22.75 -11.78
C THR A 181 -1.55 23.88 -10.87
N SER A 182 -2.01 23.90 -9.62
CA SER A 182 -1.64 24.99 -8.69
C SER A 182 -0.26 24.81 -8.05
N ASN A 183 0.22 23.57 -7.97
CA ASN A 183 1.54 23.30 -7.37
C ASN A 183 2.68 23.19 -8.38
N LEU A 184 2.37 22.75 -9.59
CA LEU A 184 3.36 22.52 -10.64
C LEU A 184 3.27 23.51 -11.80
N GLY A 185 2.08 24.06 -12.03
CA GLY A 185 1.86 24.98 -13.14
C GLY A 185 1.68 24.30 -14.48
N ILE A 186 1.29 23.03 -14.46
CA ILE A 186 0.99 22.30 -15.70
C ILE A 186 -0.29 22.85 -16.34
N ILE A 187 -0.47 22.59 -17.63
CA ILE A 187 -1.68 22.99 -18.33
C ILE A 187 -2.75 21.92 -18.15
N PRO A 188 -3.92 22.29 -17.60
CA PRO A 188 -5.02 21.34 -17.49
C PRO A 188 -5.51 20.91 -18.87
N PHE A 189 -5.54 19.60 -19.11
CA PHE A 189 -6.00 19.06 -20.38
C PHE A 189 -7.52 18.86 -20.34
N ASP A 190 -8.19 19.34 -21.39
CA ASP A 190 -9.63 19.17 -21.54
C ASP A 190 -9.92 18.07 -22.57
N PRO A 191 -10.52 16.94 -22.13
CA PRO A 191 -10.84 15.82 -23.02
C PRO A 191 -11.83 16.17 -24.12
N ALA A 192 -12.66 17.19 -23.89
CA ALA A 192 -13.64 17.66 -24.87
C ALA A 192 -12.97 18.41 -26.02
N ASN A 193 -11.83 19.03 -25.74
CA ASN A 193 -11.05 19.73 -26.75
C ASN A 193 -9.64 19.13 -26.88
N PRO A 194 -9.53 17.96 -27.53
CA PRO A 194 -8.27 17.24 -27.53
C PRO A 194 -7.31 17.62 -28.66
N LYS A 195 -6.02 17.40 -28.41
CA LYS A 195 -5.00 17.56 -29.43
C LYS A 195 -4.13 16.30 -29.47
N LYS A 196 -3.38 16.14 -30.56
CA LYS A 196 -2.53 14.96 -30.73
C LYS A 196 -1.15 15.15 -30.08
N PHE A 197 -0.69 14.11 -29.40
CA PHE A 197 0.61 14.11 -28.74
C PHE A 197 1.50 13.00 -29.32
N SER A 198 2.80 13.26 -29.38
CA SER A 198 3.76 12.22 -29.74
C SER A 198 4.36 11.58 -28.48
N ILE A 199 4.17 12.23 -27.33
CA ILE A 199 4.68 11.78 -26.04
C ILE A 199 3.55 11.75 -25.01
N ILE A 200 3.27 10.55 -24.48
CA ILE A 200 2.24 10.35 -23.47
C ILE A 200 2.78 9.56 -22.28
N PHE A 201 2.48 10.04 -21.08
CA PHE A 201 2.85 9.40 -19.83
C PHE A 201 1.57 9.12 -19.05
N GLU A 202 1.33 7.85 -18.73
CA GLU A 202 0.11 7.47 -18.02
C GLU A 202 0.44 6.67 -16.76
N ALA A 203 -0.20 7.04 -15.66
CA ALA A 203 -0.01 6.36 -14.38
C ALA A 203 -1.36 6.19 -13.67
N THR A 204 -2.12 5.20 -14.12
CA THR A 204 -3.49 4.99 -13.67
C THR A 204 -3.72 3.47 -13.51
N PRO A 205 -4.53 3.06 -12.50
CA PRO A 205 -4.85 1.63 -12.38
C PRO A 205 -6.03 1.17 -13.26
N CYS A 206 -6.28 1.89 -14.36
CA CYS A 206 -7.46 1.67 -15.21
C CYS A 206 -7.12 1.50 -16.68
N ALA A 207 -7.93 0.72 -17.39
CA ALA A 207 -7.77 0.53 -18.83
C ALA A 207 -8.47 1.64 -19.62
N ASN A 208 -8.14 1.76 -20.90
CA ASN A 208 -8.80 2.70 -21.83
C ASN A 208 -8.86 4.15 -21.35
N THR A 209 -7.74 4.63 -20.81
CA THR A 209 -7.66 5.99 -20.28
C THR A 209 -7.14 6.98 -21.32
N ILE A 210 -6.57 6.45 -22.40
CA ILE A 210 -6.05 7.28 -23.48
C ILE A 210 -7.04 7.31 -24.64
N PRO A 211 -7.71 8.46 -24.84
CA PRO A 211 -8.69 8.60 -25.93
C PRO A 211 -8.00 8.59 -27.29
N GLU A 212 -8.69 8.09 -28.30
CA GLU A 212 -8.12 7.96 -29.64
C GLU A 212 -7.64 9.30 -30.22
N ALA A 213 -8.40 10.37 -29.98
CA ALA A 213 -8.12 11.69 -30.56
C ALA A 213 -6.79 12.29 -30.09
N VAL A 214 -6.21 11.69 -29.04
CA VAL A 214 -4.97 12.15 -28.45
C VAL A 214 -3.75 11.52 -29.12
N LEU A 215 -3.98 10.39 -29.78
CA LEU A 215 -2.91 9.58 -30.36
C LEU A 215 -2.44 10.09 -31.72
N SER A 216 -1.13 10.05 -31.93
CA SER A 216 -0.55 10.27 -33.25
C SER A 216 0.19 9.01 -33.67
N GLU A 217 0.43 8.86 -34.97
CA GLU A 217 1.15 7.69 -35.49
C GLU A 217 2.54 7.58 -34.86
N ASN A 218 2.88 6.36 -34.43
CA ASN A 218 4.18 6.05 -33.82
C ASN A 218 4.47 6.76 -32.48
N CYS A 219 3.42 7.24 -31.81
CA CYS A 219 3.60 7.95 -30.54
C CYS A 219 4.09 7.03 -29.43
N VAL A 220 4.84 7.60 -28.48
CA VAL A 220 5.30 6.86 -27.33
C VAL A 220 4.27 6.94 -26.20
N LEU A 221 3.93 5.79 -25.65
CA LEU A 221 3.12 5.71 -24.46
C LEU A 221 3.95 5.01 -23.39
N SER A 222 4.39 5.79 -22.41
CA SER A 222 5.21 5.28 -21.33
C SER A 222 4.33 5.20 -20.09
N THR A 223 4.10 3.98 -19.61
CA THR A 223 3.10 3.75 -18.56
C THR A 223 3.46 2.62 -17.57
N PRO A 224 3.59 2.95 -16.28
CA PRO A 224 3.69 1.90 -15.27
C PRO A 224 2.33 1.36 -14.85
N GLY A 225 1.27 2.04 -15.28
CA GLY A 225 -0.10 1.68 -14.92
C GLY A 225 -0.50 0.27 -15.31
N ILE A 226 -1.38 -0.32 -14.49
CA ILE A 226 -1.87 -1.69 -14.73
C ILE A 226 -3.38 -1.71 -14.44
N PRO A 227 -4.19 -2.23 -15.38
CA PRO A 227 -3.82 -2.79 -16.69
C PRO A 227 -3.49 -1.72 -17.73
N CYS A 228 -3.23 -2.15 -18.95
CA CYS A 228 -2.76 -1.26 -20.03
C CYS A 228 -3.72 -0.10 -20.33
N ALA A 229 -3.15 1.09 -20.45
CA ALA A 229 -3.89 2.33 -20.66
C ALA A 229 -4.61 2.38 -22.00
N ILE A 230 -4.14 1.56 -22.94
CA ILE A 230 -4.65 1.55 -24.30
C ILE A 230 -5.02 0.14 -24.72
N SER A 231 -6.12 0.01 -25.47
CA SER A 231 -6.51 -1.28 -26.05
C SER A 231 -5.49 -1.74 -27.08
N GLU A 232 -5.41 -3.06 -27.29
CA GLU A 232 -4.58 -3.64 -28.34
C GLU A 232 -4.92 -3.06 -29.71
N GLU A 233 -6.22 -2.84 -29.94
CA GLU A 233 -6.73 -2.32 -31.21
C GLU A 233 -6.19 -0.91 -31.50
N LEU A 234 -6.26 -0.01 -30.52
CA LEU A 234 -5.74 1.34 -30.69
C LEU A 234 -4.21 1.37 -30.74
N ARG A 235 -3.58 0.50 -29.96
CA ARG A 235 -2.12 0.35 -29.96
C ARG A 235 -1.62 -0.07 -31.35
N ASP A 236 -2.33 -1.00 -31.98
CA ASP A 236 -2.00 -1.47 -33.32
C ASP A 236 -2.30 -0.44 -34.40
N LYS A 237 -3.46 0.21 -34.27
CA LYS A 237 -3.92 1.19 -35.27
C LYS A 237 -2.95 2.36 -35.45
N TYR A 238 -2.39 2.84 -34.34
CA TYR A 238 -1.50 3.99 -34.38
C TYR A 238 -0.02 3.63 -34.23
N GLU A 239 0.27 2.32 -34.27
CA GLU A 239 1.62 1.80 -34.08
C GLU A 239 2.30 2.45 -32.86
N VAL A 240 1.56 2.47 -31.76
CA VAL A 240 2.02 3.10 -30.53
C VAL A 240 3.21 2.33 -29.97
N GLN A 241 4.28 3.06 -29.64
CA GLN A 241 5.46 2.50 -29.03
C GLN A 241 5.24 2.47 -27.52
N LEU A 242 5.01 1.28 -27.00
CA LEU A 242 4.58 1.08 -25.63
C LEU A 242 5.76 0.71 -24.73
N ILE A 243 5.92 1.49 -23.65
CA ILE A 243 6.86 1.14 -22.57
C ILE A 243 6.00 0.86 -21.35
N ALA A 244 5.91 -0.41 -20.98
CA ALA A 244 5.05 -0.84 -19.89
C ALA A 244 5.56 -2.14 -19.31
N GLU A 245 5.86 -2.10 -18.02
CA GLU A 245 6.55 -3.18 -17.34
C GLU A 245 6.16 -3.06 -15.85
N PRO A 246 5.89 -4.19 -15.17
CA PRO A 246 5.20 -4.14 -13.87
C PRO A 246 6.03 -3.77 -12.62
N LEU A 247 7.36 -3.89 -12.67
CA LEU A 247 8.17 -3.73 -11.45
C LEU A 247 9.63 -3.31 -11.70
N GLY A 248 10.22 -3.86 -12.76
CA GLY A 248 11.65 -3.74 -13.02
C GLY A 248 12.20 -2.35 -13.28
N ILE A 249 11.51 -1.57 -14.12
CA ILE A 249 11.98 -0.22 -14.47
C ILE A 249 11.95 0.69 -13.24
N GLY A 250 10.85 0.66 -12.49
CA GLY A 250 10.74 1.44 -11.26
C GLY A 250 11.75 1.03 -10.20
N THR A 251 12.04 -0.27 -10.13
CA THR A 251 13.04 -0.79 -9.18
C THR A 251 14.44 -0.32 -9.54
N ALA A 252 14.76 -0.36 -10.83
CA ALA A 252 16.03 0.20 -11.33
C ALA A 252 16.17 1.67 -10.92
N SER A 253 15.11 2.44 -11.13
CA SER A 253 15.12 3.85 -10.77
C SER A 253 15.44 4.03 -9.29
N MET A 254 14.83 3.21 -8.43
CA MET A 254 15.10 3.24 -6.99
C MET A 254 16.56 2.95 -6.66
N LEU A 255 17.08 1.86 -7.22
CA LEU A 255 18.42 1.41 -6.90
C LEU A 255 19.49 2.39 -7.38
N TYR A 256 19.36 2.84 -8.62
CA TYR A 256 20.33 3.80 -9.16
C TYR A 256 20.27 5.16 -8.47
N SER A 257 19.10 5.51 -7.94
CA SER A 257 18.94 6.78 -7.22
C SER A 257 19.65 6.79 -5.85
N VAL A 258 19.92 5.62 -5.29
CA VAL A 258 20.58 5.56 -3.97
C VAL A 258 22.07 5.21 -4.03
N LEU A 259 22.59 5.03 -5.24
CA LEU A 259 24.01 4.75 -5.42
C LEU A 259 24.85 6.01 -5.25
N MET B 1 32.28 44.59 -0.61
CA MET B 1 33.41 45.49 -1.00
C MET B 1 33.82 45.33 -2.46
N ALA B 2 33.06 44.53 -3.21
CA ALA B 2 33.36 44.29 -4.62
C ALA B 2 32.07 44.29 -5.45
N LEU B 3 31.89 45.36 -6.23
CA LEU B 3 30.68 45.54 -7.03
C LEU B 3 30.91 45.20 -8.51
N LEU B 4 29.81 44.90 -9.20
CA LEU B 4 29.82 44.68 -10.65
C LEU B 4 30.26 45.94 -11.39
N THR B 5 30.95 45.74 -12.52
CA THR B 5 31.28 46.83 -13.42
C THR B 5 30.50 46.61 -14.72
N PRO B 6 30.28 47.68 -15.52
CA PRO B 6 29.58 47.53 -16.80
C PRO B 6 30.14 46.42 -17.69
N ASP B 7 31.47 46.29 -17.72
CA ASP B 7 32.13 45.26 -18.54
C ASP B 7 31.80 43.83 -18.11
N ASP B 8 31.50 43.63 -16.83
CA ASP B 8 31.08 42.32 -16.34
C ASP B 8 29.77 41.86 -16.97
N LEU B 9 28.98 42.82 -17.46
CA LEU B 9 27.60 42.56 -17.89
C LEU B 9 27.37 42.61 -19.40
N ILE B 10 28.45 42.67 -20.18
CA ILE B 10 28.36 42.70 -21.64
C ILE B 10 27.74 41.41 -22.17
N ASN B 11 26.77 41.56 -23.09
CA ASN B 11 26.04 40.45 -23.70
C ASN B 11 25.56 39.46 -22.64
N ILE B 12 24.75 39.98 -21.72
CA ILE B 12 24.25 39.19 -20.59
C ILE B 12 23.45 37.96 -21.05
N ASN B 13 22.70 38.10 -22.15
CA ASN B 13 21.92 36.97 -22.69
C ASN B 13 22.80 35.79 -23.09
N MET B 14 23.95 36.07 -23.70
CA MET B 14 24.90 35.01 -24.06
C MET B 14 25.55 34.41 -22.82
N GLN B 15 25.86 35.26 -21.84
CA GLN B 15 26.44 34.77 -20.58
C GLN B 15 25.47 33.80 -19.91
N LEU B 16 24.19 34.16 -19.90
CA LEU B 16 23.13 33.33 -19.32
C LEU B 16 22.95 32.02 -20.10
N GLN B 17 22.97 32.11 -21.42
CA GLN B 17 22.85 30.93 -22.27
C GLN B 17 23.98 29.92 -21.98
N LYS B 18 25.21 30.43 -21.91
CA LYS B 18 26.37 29.57 -21.65
C LYS B 18 26.33 28.94 -20.25
N ALA B 19 25.99 29.76 -19.26
CA ALA B 19 25.81 29.27 -17.89
C ALA B 19 24.73 28.19 -17.84
N ASP B 20 23.62 28.44 -18.52
CA ASP B 20 22.49 27.51 -18.53
C ASP B 20 22.89 26.15 -19.11
N SER B 21 23.62 26.17 -20.24
CA SER B 21 24.14 24.95 -20.85
C SER B 21 25.09 24.20 -19.91
N ALA B 22 25.96 24.95 -19.22
CA ALA B 22 26.88 24.38 -18.26
C ALA B 22 26.16 23.71 -17.08
N VAL B 23 25.14 24.39 -16.55
CA VAL B 23 24.33 23.86 -15.45
C VAL B 23 23.62 22.55 -15.87
N GLN B 24 23.10 22.53 -17.10
CA GLN B 24 22.45 21.34 -17.64
C GLN B 24 23.38 20.14 -17.75
N GLU B 25 24.60 20.39 -18.24
CA GLU B 25 25.61 19.34 -18.37
C GLU B 25 25.96 18.77 -16.99
N VAL B 26 26.16 19.65 -16.03
CA VAL B 26 26.52 19.28 -14.66
C VAL B 26 25.38 18.56 -13.93
N THR B 27 24.16 19.11 -13.98
CA THR B 27 23.07 18.66 -13.10
C THR B 27 21.95 17.88 -13.80
N GLY B 28 21.85 18.01 -15.13
CA GLY B 28 20.74 17.44 -15.87
C GLY B 28 19.56 18.38 -16.02
N LEU B 29 19.58 19.48 -15.26
CA LEU B 29 18.50 20.48 -15.29
C LEU B 29 19.06 21.85 -15.66
N ASP B 30 18.21 22.69 -16.26
CA ASP B 30 18.61 24.09 -16.47
C ASP B 30 18.43 24.91 -15.19
N ILE B 31 18.83 26.18 -15.22
CA ILE B 31 18.75 27.05 -14.04
C ILE B 31 17.32 27.12 -13.49
N LYS B 32 16.36 27.33 -14.39
CA LYS B 32 14.94 27.33 -14.04
C LYS B 32 14.55 26.04 -13.29
N GLY B 33 14.99 24.89 -13.81
CA GLY B 33 14.69 23.59 -13.21
C GLY B 33 15.31 23.41 -11.83
N ILE B 34 16.54 23.89 -11.67
CA ILE B 34 17.23 23.88 -10.38
C ILE B 34 16.41 24.69 -9.37
N CYS B 35 15.97 25.88 -9.79
CA CYS B 35 15.20 26.78 -8.95
C CYS B 35 13.86 26.17 -8.54
N LYS B 36 13.15 25.59 -9.50
CA LYS B 36 11.90 24.87 -9.25
C LYS B 36 12.06 23.79 -8.20
N ALA B 37 13.11 22.97 -8.35
CA ALA B 37 13.37 21.87 -7.43
C ALA B 37 13.79 22.37 -6.05
N LEU B 38 14.58 23.44 -6.02
CA LEU B 38 15.11 24.00 -4.77
C LEU B 38 14.01 24.67 -3.95
N TYR B 39 13.17 25.44 -4.62
CA TYR B 39 12.18 26.27 -3.94
C TYR B 39 10.76 25.72 -3.97
N GLY B 40 10.50 24.81 -4.91
CA GLY B 40 9.16 24.24 -5.09
C GLY B 40 8.16 25.27 -5.59
N THR B 41 8.64 26.23 -6.39
CA THR B 41 7.79 27.27 -6.95
C THR B 41 7.90 27.30 -8.47
N PHE B 42 6.97 28.02 -9.10
CA PHE B 42 7.02 28.25 -10.55
C PHE B 42 6.51 29.65 -10.83
N SER B 43 6.93 30.22 -11.95
CA SER B 43 6.53 31.57 -12.33
C SER B 43 5.25 31.53 -13.15
N SER B 44 4.45 32.59 -13.02
CA SER B 44 3.24 32.78 -13.80
C SER B 44 3.22 34.20 -14.36
N SER B 45 4.33 34.61 -14.95
CA SER B 45 4.49 35.95 -15.58
C SER B 45 4.27 37.10 -14.61
N GLU B 46 4.74 36.95 -13.38
CA GLU B 46 4.62 38.00 -12.37
C GLU B 46 5.27 39.28 -12.89
N LYS B 47 4.60 40.41 -12.66
CA LYS B 47 5.14 41.71 -13.05
C LYS B 47 6.24 42.14 -12.08
N VAL B 48 7.43 42.38 -12.62
CA VAL B 48 8.60 42.73 -11.82
C VAL B 48 9.04 44.15 -12.17
N GLY B 49 9.05 45.02 -11.16
CA GLY B 49 9.50 46.39 -11.34
C GLY B 49 10.94 46.52 -10.90
N ILE B 50 11.79 46.97 -11.83
CA ILE B 50 13.23 47.10 -11.59
C ILE B 50 13.53 48.58 -11.42
N VAL B 51 14.08 48.94 -10.26
CA VAL B 51 14.25 50.34 -9.88
C VAL B 51 15.74 50.70 -9.81
N PRO B 52 16.22 51.59 -10.71
CA PRO B 52 17.60 52.05 -10.63
C PRO B 52 17.84 52.83 -9.34
N VAL B 53 19.00 52.66 -8.74
CA VAL B 53 19.30 53.26 -7.44
C VAL B 53 20.62 54.03 -7.53
N THR B 54 20.58 55.31 -7.12
CA THR B 54 21.74 56.22 -7.24
C THR B 54 22.59 56.28 -5.97
N SER B 55 22.17 55.55 -4.94
CA SER B 55 22.85 55.45 -3.65
C SER B 55 24.32 55.02 -3.76
N GLY B 56 25.15 55.56 -2.88
CA GLY B 56 26.57 55.17 -2.81
C GLY B 56 27.36 55.43 -4.08
N ASN B 57 27.97 54.39 -4.63
CA ASN B 57 28.73 54.49 -5.87
C ASN B 57 27.84 54.75 -7.09
N GLY B 58 26.54 54.58 -6.92
CA GLY B 58 25.55 55.01 -7.90
C GLY B 58 25.06 53.94 -8.86
N ILE B 59 24.40 54.40 -9.92
CA ILE B 59 23.93 53.53 -10.98
C ILE B 59 25.13 52.91 -11.70
N ILE B 60 25.08 51.58 -11.85
CA ILE B 60 26.11 50.87 -12.61
C ILE B 60 25.61 50.68 -14.04
N GLY B 61 26.41 51.09 -15.01
CA GLY B 61 26.12 50.88 -16.42
C GLY B 61 25.79 49.41 -16.69
N ASN B 62 24.76 49.19 -17.50
CA ASN B 62 24.28 47.84 -17.85
C ASN B 62 23.50 47.10 -16.76
N PHE B 63 23.48 47.62 -15.52
CA PHE B 63 22.86 46.88 -14.40
C PHE B 63 21.35 46.65 -14.55
N SER B 64 20.59 47.74 -14.66
CA SER B 64 19.13 47.61 -14.79
C SER B 64 18.75 46.90 -16.10
N ALA B 65 19.47 47.23 -17.18
CA ALA B 65 19.24 46.59 -18.48
C ALA B 65 19.51 45.09 -18.41
N SER B 66 20.54 44.70 -17.66
CA SER B 66 20.83 43.27 -17.47
C SER B 66 19.73 42.59 -16.66
N LEU B 67 19.28 43.22 -15.57
CA LEU B 67 18.14 42.68 -14.81
C LEU B 67 16.88 42.56 -15.67
N HIS B 68 16.68 43.53 -16.55
CA HIS B 68 15.57 43.53 -17.50
C HIS B 68 15.63 42.26 -18.36
N ALA B 69 16.79 42.00 -18.95
CA ALA B 69 17.00 40.83 -19.78
C ALA B 69 16.90 39.52 -18.97
N ILE B 70 17.46 39.51 -17.76
CA ILE B 70 17.48 38.31 -16.93
C ILE B 70 16.06 37.88 -16.55
N THR B 71 15.26 38.84 -16.09
CA THR B 71 13.88 38.58 -15.68
C THR B 71 12.99 38.11 -16.84
N GLN B 72 13.17 38.72 -18.01
CA GLN B 72 12.49 38.27 -19.24
C GLN B 72 12.90 36.83 -19.58
N TYR B 73 14.21 36.55 -19.50
CA TYR B 73 14.76 35.21 -19.76
C TYR B 73 14.09 34.16 -18.89
N PHE B 74 13.84 34.49 -17.63
CA PHE B 74 13.19 33.56 -16.72
C PHE B 74 11.67 33.68 -16.66
N GLY B 75 11.09 34.36 -17.65
CA GLY B 75 9.65 34.33 -17.86
C GLY B 75 8.82 35.33 -17.07
N PHE B 76 9.45 36.40 -16.62
CA PHE B 76 8.74 37.44 -15.88
C PHE B 76 8.35 38.61 -16.79
N ASP B 77 7.26 39.27 -16.44
CA ASP B 77 6.78 40.48 -17.10
C ASP B 77 7.46 41.66 -16.42
N SER B 78 8.70 41.91 -16.81
CA SER B 78 9.51 42.90 -16.12
C SER B 78 9.54 44.23 -16.85
N PHE B 79 9.82 45.29 -16.10
CA PHE B 79 10.03 46.61 -16.66
C PHE B 79 11.01 47.38 -15.77
N VAL B 80 11.70 48.34 -16.37
CA VAL B 80 12.60 49.24 -15.63
C VAL B 80 11.93 50.61 -15.55
N THR B 81 11.89 51.19 -14.36
CA THR B 81 11.25 52.50 -14.16
C THR B 81 12.09 53.65 -14.74
N ASP B 82 11.43 54.73 -15.14
CA ASP B 82 12.12 55.93 -15.65
C ASP B 82 12.95 56.60 -14.56
N MET B 83 12.31 56.78 -13.40
CA MET B 83 12.91 57.46 -12.26
C MET B 83 13.71 56.50 -11.38
N PRO B 84 14.78 56.99 -10.75
CA PRO B 84 15.52 56.17 -9.79
C PRO B 84 14.99 56.32 -8.36
N ASP B 85 15.52 55.52 -7.45
CA ASP B 85 15.34 55.74 -6.01
C ASP B 85 13.86 55.69 -5.55
N VAL B 86 13.45 56.58 -4.65
CA VAL B 86 12.07 56.57 -4.12
C VAL B 86 11.02 56.88 -5.19
N SER B 87 11.32 57.87 -6.04
CA SER B 87 10.43 58.21 -7.15
C SER B 87 10.21 57.01 -8.08
N GLY B 88 11.27 56.25 -8.29
CA GLY B 88 11.23 55.03 -9.11
C GLY B 88 10.43 53.93 -8.43
N TYR B 89 10.62 53.78 -7.13
CA TYR B 89 9.83 52.82 -6.34
C TYR B 89 8.33 53.11 -6.47
N TYR B 90 7.97 54.38 -6.30
CA TYR B 90 6.58 54.83 -6.45
C TYR B 90 6.07 54.46 -7.84
N GLU B 91 6.87 54.77 -8.85
CA GLU B 91 6.55 54.49 -10.25
C GLU B 91 6.29 53.01 -10.48
N ALA B 92 7.15 52.15 -9.92
CA ALA B 92 7.02 50.70 -10.04
C ALA B 92 5.70 50.19 -9.44
N VAL B 93 5.40 50.61 -8.22
CA VAL B 93 4.17 50.20 -7.52
C VAL B 93 2.94 50.72 -8.27
N GLN B 94 3.01 51.98 -8.70
CA GLN B 94 1.91 52.61 -9.44
C GLN B 94 1.61 51.83 -10.74
N ASN B 95 2.67 51.33 -11.38
CA ASN B 95 2.56 50.61 -12.65
C ASN B 95 2.27 49.12 -12.53
N GLY B 96 1.97 48.64 -11.33
CA GLY B 96 1.50 47.28 -11.13
C GLY B 96 2.54 46.23 -10.81
N ALA B 97 3.73 46.66 -10.40
CA ALA B 97 4.77 45.72 -10.01
C ALA B 97 4.29 44.84 -8.85
N GLU B 98 4.50 43.53 -9.00
CA GLU B 98 4.14 42.58 -7.97
C GLU B 98 5.38 42.19 -7.18
N ILE B 99 6.53 42.23 -7.85
CA ILE B 99 7.82 42.06 -7.21
C ILE B 99 8.69 43.26 -7.53
N ILE B 100 9.34 43.79 -6.51
CA ILE B 100 10.28 44.89 -6.67
C ILE B 100 11.71 44.34 -6.62
N LEU B 101 12.49 44.73 -7.62
CA LEU B 101 13.90 44.35 -7.73
C LEU B 101 14.74 45.63 -7.70
N MET B 102 15.59 45.77 -6.68
CA MET B 102 16.46 46.95 -6.53
C MET B 102 17.68 46.67 -5.66
N ALA B 103 18.75 47.43 -5.88
CA ALA B 103 20.01 47.23 -5.16
C ALA B 103 20.71 48.54 -4.85
N ASP B 104 21.23 48.68 -3.62
CA ASP B 104 22.26 49.67 -3.36
C ASP B 104 23.62 48.96 -3.28
N ASP B 105 24.65 49.61 -2.75
CA ASP B 105 25.98 48.99 -2.69
C ASP B 105 26.07 47.82 -1.71
N ARG B 106 25.14 47.75 -0.76
CA ARG B 106 25.21 46.75 0.30
C ARG B 106 24.15 45.65 0.20
N THR B 107 23.00 45.97 -0.39
CA THR B 107 21.87 45.04 -0.45
C THR B 107 21.23 45.05 -1.82
N PHE B 108 21.08 43.86 -2.40
CA PHE B 108 20.31 43.63 -3.61
C PHE B 108 19.13 42.74 -3.19
N LEU B 109 17.92 43.28 -3.31
CA LEU B 109 16.72 42.57 -2.85
C LEU B 109 15.66 42.32 -3.92
N ALA B 110 14.84 41.32 -3.63
CA ALA B 110 13.60 41.10 -4.35
C ALA B 110 12.51 41.07 -3.30
N HIS B 111 11.48 41.89 -3.47
CA HIS B 111 10.37 41.94 -2.54
C HIS B 111 9.05 41.65 -3.25
N ASN B 112 8.44 40.53 -2.90
CA ASN B 112 7.14 40.15 -3.46
C ASN B 112 6.01 40.79 -2.64
N LEU B 113 5.39 41.81 -3.23
CA LEU B 113 4.34 42.58 -2.58
C LEU B 113 3.05 41.78 -2.39
N LYS B 114 2.87 40.72 -3.19
CA LYS B 114 1.67 39.89 -3.09
C LYS B 114 1.63 38.98 -1.85
N ASN B 115 2.78 38.44 -1.46
CA ASN B 115 2.84 37.49 -0.34
C ASN B 115 3.77 37.91 0.79
N GLY B 116 4.47 39.03 0.60
CA GLY B 116 5.34 39.59 1.62
C GLY B 116 6.75 39.02 1.68
N LYS B 117 7.04 38.01 0.86
CA LYS B 117 8.37 37.39 0.87
C LYS B 117 9.44 38.31 0.29
N MET B 118 10.60 38.33 0.92
CA MET B 118 11.71 39.18 0.50
C MET B 118 13.00 38.36 0.48
N ALA B 119 13.78 38.53 -0.58
CA ALA B 119 15.04 37.81 -0.74
C ALA B 119 16.24 38.75 -0.73
N ASN B 120 17.34 38.30 -0.14
CA ASN B 120 18.63 38.99 -0.21
C ASN B 120 19.54 38.25 -1.17
N ASN B 121 20.14 38.98 -2.12
CA ASN B 121 21.01 38.41 -3.15
C ASN B 121 22.14 37.52 -2.62
N GLN B 122 22.70 37.88 -1.48
CA GLN B 122 23.89 37.18 -0.97
C GLN B 122 23.63 35.71 -0.58
N PRO B 123 22.71 35.43 0.36
CA PRO B 123 22.38 34.03 0.62
C PRO B 123 21.74 33.32 -0.59
N CYS B 124 20.91 34.04 -1.35
CA CYS B 124 20.28 33.44 -2.54
C CYS B 124 21.30 32.97 -3.57
N THR B 125 22.36 33.77 -3.76
CA THR B 125 23.45 33.44 -4.67
C THR B 125 24.29 32.28 -4.12
N GLY B 126 24.66 32.38 -2.84
CA GLY B 126 25.42 31.31 -2.20
C GLY B 126 24.71 29.98 -2.27
N ILE B 127 23.43 29.99 -1.93
CA ILE B 127 22.64 28.75 -1.89
C ILE B 127 22.50 28.10 -3.27
N ILE B 128 22.16 28.90 -4.29
CA ILE B 128 21.96 28.33 -5.62
C ILE B 128 23.25 27.81 -6.25
N TYR B 129 24.36 28.54 -6.07
CA TYR B 129 25.64 28.08 -6.60
C TYR B 129 26.13 26.82 -5.89
N ALA B 130 25.87 26.73 -4.57
CA ALA B 130 26.16 25.52 -3.80
C ALA B 130 25.23 24.38 -4.17
N GLU B 131 23.96 24.71 -4.46
CA GLU B 131 22.98 23.71 -4.88
C GLU B 131 23.38 23.05 -6.20
N ILE B 132 23.79 23.90 -7.16
CA ILE B 132 24.24 23.43 -8.46
C ILE B 132 25.45 22.49 -8.31
N ALA B 133 26.43 22.92 -7.52
CA ALA B 133 27.60 22.10 -7.19
C ALA B 133 27.20 20.75 -6.60
N SER B 134 26.28 20.77 -5.63
CA SER B 134 25.81 19.56 -4.93
C SER B 134 25.08 18.57 -5.85
N ARG B 135 24.56 19.08 -6.96
CA ARG B 135 23.79 18.26 -7.89
C ARG B 135 24.61 17.78 -9.09
N TYR B 136 25.94 17.90 -9.00
CA TYR B 136 26.81 17.33 -10.02
C TYR B 136 26.63 15.81 -10.10
N LEU B 137 25.97 15.37 -11.17
CA LEU B 137 25.59 13.97 -11.36
C LEU B 137 26.74 12.96 -11.29
N LYS B 138 27.88 13.32 -11.85
CA LYS B 138 29.01 12.40 -11.97
C LYS B 138 30.03 12.52 -10.83
N ALA B 139 29.64 13.18 -9.74
CA ALA B 139 30.49 13.29 -8.56
C ALA B 139 30.71 11.92 -7.92
N ASP B 140 31.95 11.64 -7.54
CA ASP B 140 32.29 10.32 -6.99
C ASP B 140 32.30 10.28 -5.46
N SER B 141 32.09 11.44 -4.83
CA SER B 141 32.03 11.52 -3.37
C SER B 141 31.12 12.66 -2.89
N LYS B 142 30.99 12.77 -1.57
CA LYS B 142 30.25 13.87 -0.96
C LYS B 142 31.21 14.92 -0.38
N ASP B 143 32.48 14.83 -0.77
CA ASP B 143 33.47 15.85 -0.41
C ASP B 143 33.26 17.08 -1.28
N VAL B 144 33.22 18.24 -0.64
CA VAL B 144 33.14 19.51 -1.35
C VAL B 144 34.10 20.52 -0.70
N LEU B 145 34.81 21.27 -1.55
CA LEU B 145 35.70 22.32 -1.10
C LEU B 145 35.03 23.67 -1.28
N VAL B 146 34.97 24.44 -0.19
CA VAL B 146 34.41 25.79 -0.23
C VAL B 146 35.52 26.79 0.05
N VAL B 147 35.81 27.63 -0.95
CA VAL B 147 36.83 28.66 -0.83
C VAL B 147 36.14 30.04 -0.82
N GLY B 148 36.27 30.73 0.31
CA GLY B 148 35.54 31.97 0.55
C GLY B 148 34.33 31.69 1.40
N LEU B 149 34.34 32.23 2.62
CA LEU B 149 33.24 32.02 3.56
C LEU B 149 32.62 33.33 4.04
N GLY B 150 32.51 34.29 3.13
CA GLY B 150 31.89 35.59 3.43
C GLY B 150 30.38 35.55 3.29
N LYS B 151 29.79 36.65 2.83
CA LYS B 151 28.33 36.77 2.79
C LYS B 151 27.66 35.83 1.81
N VAL B 152 28.38 35.43 0.77
CA VAL B 152 27.87 34.50 -0.24
C VAL B 152 28.34 33.08 0.11
N GLY B 153 29.63 32.95 0.43
CA GLY B 153 30.24 31.67 0.73
C GLY B 153 29.68 30.95 1.96
N PHE B 154 29.44 31.71 3.03
CA PHE B 154 28.94 31.11 4.27
C PHE B 154 27.57 30.42 4.09
N PRO B 155 26.56 31.15 3.57
CA PRO B 155 25.26 30.47 3.37
C PRO B 155 25.31 29.33 2.35
N GLY B 156 26.23 29.42 1.38
CA GLY B 156 26.47 28.31 0.46
C GLY B 156 26.98 27.07 1.18
N ALA B 157 27.98 27.28 2.04
CA ALA B 157 28.57 26.21 2.84
C ALA B 157 27.56 25.58 3.80
N GLU B 158 26.71 26.43 4.38
CA GLU B 158 25.66 25.99 5.29
C GLU B 158 24.66 25.08 4.58
N HIS B 159 24.28 25.48 3.37
CA HIS B 159 23.38 24.70 2.53
C HIS B 159 23.96 23.32 2.23
N LEU B 160 25.26 23.27 1.93
CA LEU B 160 25.96 22.02 1.65
C LEU B 160 26.05 21.11 2.89
N VAL B 161 26.22 21.72 4.06
CA VAL B 161 26.23 20.99 5.33
C VAL B 161 24.86 20.36 5.60
N GLN B 162 23.81 21.14 5.36
CA GLN B 162 22.42 20.68 5.54
C GLN B 162 22.02 19.57 4.55
N LYS B 163 22.73 19.51 3.42
CA LYS B 163 22.52 18.44 2.43
C LYS B 163 23.40 17.21 2.70
N ASP B 164 24.01 17.17 3.87
CA ASP B 164 24.84 16.04 4.35
C ASP B 164 26.12 15.79 3.55
N PHE B 165 26.68 16.85 2.97
CA PHE B 165 27.97 16.78 2.30
C PHE B 165 29.08 16.95 3.33
N ARG B 166 30.24 16.34 3.07
CA ARG B 166 31.42 16.58 3.90
C ARG B 166 32.15 17.81 3.38
N VAL B 167 31.95 18.92 4.08
CA VAL B 167 32.38 20.22 3.60
C VAL B 167 33.74 20.61 4.18
N TYR B 168 34.70 20.78 3.28
CA TYR B 168 36.01 21.33 3.61
C TYR B 168 35.98 22.81 3.26
N GLY B 169 36.51 23.64 4.16
CA GLY B 169 36.42 25.08 3.99
C GLY B 169 37.72 25.83 4.17
N TYR B 170 37.89 26.88 3.38
CA TYR B 170 39.01 27.79 3.53
C TYR B 170 38.62 29.25 3.25
N ASP B 171 39.12 30.13 4.09
CA ASP B 171 39.04 31.56 3.87
C ASP B 171 40.36 32.15 4.33
N ALA B 172 40.84 33.15 3.61
CA ALA B 172 42.11 33.82 3.93
C ALA B 172 42.02 34.63 5.22
N ASP B 173 40.79 35.00 5.59
CA ASP B 173 40.52 35.63 6.87
C ASP B 173 40.38 34.54 7.93
N GLU B 174 41.35 34.47 8.84
CA GLU B 174 41.40 33.45 9.88
C GLU B 174 40.21 33.48 10.82
N THR B 175 39.70 34.69 11.09
CA THR B 175 38.55 34.88 11.96
C THR B 175 37.30 34.24 11.37
N LEU B 176 37.07 34.48 10.07
CA LEU B 176 35.92 33.91 9.36
C LEU B 176 35.97 32.40 9.23
N LEU B 177 37.17 31.85 9.04
CA LEU B 177 37.36 30.41 8.96
C LEU B 177 36.97 29.75 10.28
N GLU B 178 37.44 30.33 11.39
CA GLU B 178 37.08 29.85 12.73
C GLU B 178 35.58 29.89 13.01
N ARG B 179 34.92 30.97 12.60
CA ARG B 179 33.47 31.12 12.79
C ARG B 179 32.68 30.10 11.97
N ALA B 180 33.15 29.81 10.76
CA ALA B 180 32.51 28.82 9.91
C ALA B 180 32.68 27.41 10.46
N THR B 181 33.89 27.09 10.94
CA THR B 181 34.18 25.77 11.49
C THR B 181 33.40 25.49 12.77
N SER B 182 33.26 26.52 13.62
CA SER B 182 32.55 26.38 14.89
C SER B 182 31.04 26.38 14.74
N ASN B 183 30.52 27.25 13.87
CA ASN B 183 29.06 27.37 13.67
C ASN B 183 28.47 26.30 12.74
N LEU B 184 29.24 25.90 11.73
CA LEU B 184 28.75 24.97 10.71
C LEU B 184 29.28 23.54 10.88
N GLY B 185 30.42 23.41 11.53
CA GLY B 185 31.06 22.11 11.72
C GLY B 185 31.84 21.66 10.50
N ILE B 186 32.23 22.61 9.67
CA ILE B 186 33.02 22.32 8.46
C ILE B 186 34.48 22.02 8.82
N ILE B 187 35.13 21.20 7.99
CA ILE B 187 36.52 20.84 8.21
C ILE B 187 37.44 21.94 7.64
N PRO B 188 38.29 22.53 8.50
CA PRO B 188 39.24 23.53 8.00
C PRO B 188 40.22 22.90 7.01
N PHE B 189 40.39 23.55 5.87
CA PHE B 189 41.24 23.03 4.80
C PHE B 189 42.59 23.74 4.76
N ASP B 190 43.66 22.94 4.84
CA ASP B 190 45.01 23.44 4.68
C ASP B 190 45.30 23.54 3.18
N PRO B 191 45.57 24.77 2.70
CA PRO B 191 45.89 24.98 1.27
C PRO B 191 47.23 24.35 0.85
N ALA B 192 48.06 24.02 1.82
CA ALA B 192 49.36 23.37 1.59
C ALA B 192 49.29 21.85 1.68
N ASN B 193 48.22 21.35 2.31
CA ASN B 193 48.02 19.91 2.52
C ASN B 193 46.71 19.46 1.84
N PRO B 194 46.74 19.31 0.50
CA PRO B 194 45.51 19.22 -0.28
C PRO B 194 45.05 17.82 -0.67
N LYS B 195 43.73 17.65 -0.77
CA LYS B 195 43.13 16.49 -1.43
C LYS B 195 42.67 16.94 -2.81
N LYS B 196 42.35 15.98 -3.67
CA LYS B 196 41.72 16.30 -4.95
C LYS B 196 40.20 16.31 -4.76
N PHE B 197 39.54 17.34 -5.27
CA PHE B 197 38.09 17.48 -5.18
C PHE B 197 37.44 17.36 -6.54
N SER B 198 36.24 16.78 -6.58
CA SER B 198 35.43 16.78 -7.80
C SER B 198 34.36 17.88 -7.75
N ILE B 199 34.10 18.41 -6.55
CA ILE B 199 33.12 19.47 -6.34
C ILE B 199 33.76 20.63 -5.59
N ILE B 200 33.83 21.79 -6.25
CA ILE B 200 34.38 23.00 -5.64
C ILE B 200 33.40 24.17 -5.78
N PHE B 201 33.22 24.90 -4.67
CA PHE B 201 32.39 26.09 -4.63
C PHE B 201 33.25 27.26 -4.15
N GLU B 202 33.40 28.28 -5.00
CA GLU B 202 34.23 29.45 -4.68
C GLU B 202 33.41 30.73 -4.69
N ALA B 203 33.57 31.54 -3.63
CA ALA B 203 32.89 32.84 -3.54
C ALA B 203 33.87 33.90 -3.02
N THR B 204 34.70 34.40 -3.92
CA THR B 204 35.81 35.29 -3.58
C THR B 204 35.97 36.34 -4.69
N PRO B 205 36.36 37.59 -4.32
CA PRO B 205 36.60 38.60 -5.35
C PRO B 205 38.02 38.56 -5.95
N CYS B 206 38.66 37.39 -5.89
CA CYS B 206 40.06 37.27 -6.29
C CYS B 206 40.32 36.17 -7.30
N ALA B 207 41.36 36.36 -8.11
CA ALA B 207 41.79 35.36 -9.08
C ALA B 207 42.75 34.35 -8.45
N ASN B 208 42.89 33.19 -9.09
CA ASN B 208 43.85 32.15 -8.69
C ASN B 208 43.73 31.71 -7.22
N THR B 209 42.50 31.49 -6.77
CA THR B 209 42.24 31.08 -5.38
C THR B 209 42.16 29.57 -5.23
N ILE B 210 42.02 28.85 -6.34
CA ILE B 210 41.96 27.39 -6.32
C ILE B 210 43.31 26.82 -6.76
N PRO B 211 44.06 26.21 -5.83
CA PRO B 211 45.35 25.60 -6.14
C PRO B 211 45.22 24.43 -7.11
N GLU B 212 46.20 24.28 -7.99
CA GLU B 212 46.21 23.19 -8.97
C GLU B 212 46.06 21.83 -8.32
N ALA B 213 46.75 21.61 -7.20
CA ALA B 213 46.76 20.33 -6.49
C ALA B 213 45.39 19.85 -6.02
N VAL B 214 44.43 20.77 -6.01
CA VAL B 214 43.06 20.50 -5.54
C VAL B 214 42.15 20.01 -6.67
N LEU B 215 42.57 20.24 -7.92
CA LEU B 215 41.73 19.95 -9.08
C LEU B 215 41.85 18.52 -9.56
N SER B 216 40.70 17.90 -9.80
CA SER B 216 40.64 16.61 -10.51
C SER B 216 40.03 16.82 -11.88
N GLU B 217 40.25 15.87 -12.78
CA GLU B 217 39.73 15.96 -14.14
C GLU B 217 38.20 16.04 -14.13
N ASN B 218 37.65 16.95 -14.96
CA ASN B 218 36.21 17.14 -15.12
C ASN B 218 35.48 17.63 -13.86
N CYS B 219 36.23 18.13 -12.88
CA CYS B 219 35.64 18.62 -11.64
C CYS B 219 34.74 19.83 -11.90
N VAL B 220 33.74 19.99 -11.04
CA VAL B 220 32.85 21.13 -11.14
C VAL B 220 33.35 22.26 -10.25
N LEU B 221 33.51 23.44 -10.86
CA LEU B 221 33.79 24.65 -10.12
C LEU B 221 32.61 25.60 -10.28
N SER B 222 31.83 25.71 -9.20
CA SER B 222 30.66 26.57 -9.15
C SER B 222 31.05 27.83 -8.39
N THR B 223 31.07 28.96 -9.09
CA THR B 223 31.61 30.19 -8.51
C THR B 223 30.93 31.47 -9.01
N PRO B 224 30.28 32.21 -8.09
CA PRO B 224 29.79 33.54 -8.43
C PRO B 224 30.89 34.61 -8.35
N GLY B 225 32.06 34.23 -7.84
CA GLY B 225 33.17 35.16 -7.67
C GLY B 225 33.69 35.80 -8.95
N ILE B 226 34.13 37.06 -8.84
CA ILE B 226 34.68 37.81 -9.96
C ILE B 226 35.97 38.50 -9.49
N PRO B 227 37.09 38.34 -10.23
CA PRO B 227 37.27 37.54 -11.45
C PRO B 227 37.34 36.03 -11.16
N CYS B 228 37.52 35.25 -12.22
CA CYS B 228 37.46 33.80 -12.12
C CYS B 228 38.50 33.20 -11.17
N ALA B 229 38.04 32.22 -10.38
CA ALA B 229 38.85 31.55 -9.37
C ALA B 229 40.06 30.81 -9.92
N ILE B 230 39.99 30.41 -11.19
CA ILE B 230 41.11 29.76 -11.86
C ILE B 230 41.43 30.41 -13.20
N SER B 231 42.68 30.28 -13.63
CA SER B 231 43.12 30.77 -14.93
C SER B 231 42.53 29.91 -16.04
N GLU B 232 42.47 30.46 -17.25
CA GLU B 232 41.98 29.71 -18.41
C GLU B 232 42.84 28.48 -18.70
N GLU B 233 44.15 28.60 -18.45
CA GLU B 233 45.09 27.48 -18.62
C GLU B 233 44.74 26.29 -17.71
N LEU B 234 44.50 26.58 -16.43
CA LEU B 234 44.14 25.55 -15.46
C LEU B 234 42.78 24.94 -15.76
N ARG B 235 41.85 25.76 -16.24
CA ARG B 235 40.52 25.31 -16.63
C ARG B 235 40.61 24.33 -17.80
N ASP B 236 41.40 24.69 -18.80
CA ASP B 236 41.60 23.86 -19.99
C ASP B 236 42.32 22.55 -19.64
N LYS B 237 43.33 22.64 -18.79
CA LYS B 237 44.17 21.49 -18.43
C LYS B 237 43.40 20.39 -17.71
N TYR B 238 42.47 20.77 -16.84
CA TYR B 238 41.73 19.81 -16.03
C TYR B 238 40.28 19.60 -16.47
N GLU B 239 39.97 20.12 -17.66
CA GLU B 239 38.61 20.04 -18.25
C GLU B 239 37.54 20.45 -17.24
N VAL B 240 37.82 21.51 -16.48
CA VAL B 240 36.95 21.95 -15.40
C VAL B 240 35.58 22.35 -15.95
N GLN B 241 34.53 21.83 -15.31
CA GLN B 241 33.17 22.22 -15.61
C GLN B 241 32.85 23.48 -14.79
N LEU B 242 32.96 24.62 -15.46
CA LEU B 242 32.90 25.91 -14.80
C LEU B 242 31.50 26.50 -14.89
N ILE B 243 30.92 26.79 -13.73
CA ILE B 243 29.64 27.48 -13.67
C ILE B 243 29.87 28.85 -13.02
N ALA B 244 29.88 29.88 -13.87
CA ALA B 244 30.24 31.23 -13.46
C ALA B 244 29.54 32.26 -14.31
N GLU B 245 28.77 33.10 -13.66
CA GLU B 245 27.87 34.02 -14.33
C GLU B 245 27.68 35.20 -13.37
N PRO B 246 27.68 36.45 -13.91
CA PRO B 246 27.84 37.60 -13.00
C PRO B 246 26.59 38.08 -12.24
N LEU B 247 25.39 37.69 -12.67
CA LEU B 247 24.18 38.28 -12.07
C LEU B 247 22.90 37.43 -12.16
N GLY B 248 22.70 36.77 -13.30
CA GLY B 248 21.45 36.06 -13.61
C GLY B 248 21.08 34.88 -12.73
N ILE B 249 22.06 34.04 -12.40
CA ILE B 249 21.81 32.84 -11.58
C ILE B 249 21.32 33.24 -10.17
N GLY B 250 22.04 34.17 -9.53
CA GLY B 250 21.63 34.69 -8.23
C GLY B 250 20.28 35.40 -8.27
N THR B 251 20.02 36.12 -9.36
CA THR B 251 18.75 36.81 -9.54
C THR B 251 17.59 35.82 -9.65
N ALA B 252 17.79 34.77 -10.45
CA ALA B 252 16.79 33.69 -10.57
C ALA B 252 16.49 33.09 -9.21
N SER B 253 17.55 32.85 -8.42
CA SER B 253 17.41 32.27 -7.09
C SER B 253 16.54 33.16 -6.19
N MET B 254 16.82 34.47 -6.20
CA MET B 254 16.02 35.46 -5.46
C MET B 254 14.54 35.42 -5.85
N LEU B 255 14.28 35.45 -7.16
CA LEU B 255 12.93 35.52 -7.69
C LEU B 255 12.11 34.25 -7.38
N TYR B 256 12.70 33.09 -7.60
CA TYR B 256 12.02 31.84 -7.28
C TYR B 256 11.79 31.67 -5.77
N SER B 257 12.71 32.20 -4.97
CA SER B 257 12.61 32.11 -3.51
C SER B 257 11.41 32.88 -2.94
N VAL B 258 10.95 33.92 -3.64
CA VAL B 258 9.86 34.76 -3.13
C VAL B 258 8.49 34.47 -3.76
N LEU B 259 8.46 33.50 -4.68
CA LEU B 259 7.21 33.17 -5.35
C LEU B 259 6.22 32.45 -4.44
N MET C 1 -10.01 -7.15 -5.55
CA MET C 1 -8.79 -6.28 -5.57
C MET C 1 -9.14 -4.79 -5.52
N ALA C 2 -10.42 -4.48 -5.35
CA ALA C 2 -10.89 -3.11 -5.16
C ALA C 2 -11.92 -3.08 -4.03
N LEU C 3 -11.43 -2.79 -2.82
CA LEU C 3 -12.25 -2.87 -1.62
C LEU C 3 -12.81 -1.50 -1.19
N LEU C 4 -13.85 -1.55 -0.37
CA LEU C 4 -14.44 -0.35 0.24
C LEU C 4 -13.46 0.37 1.16
N THR C 5 -13.56 1.70 1.19
CA THR C 5 -12.82 2.52 2.14
C THR C 5 -13.80 3.16 3.12
N PRO C 6 -13.32 3.52 4.33
CA PRO C 6 -14.18 4.20 5.32
C PRO C 6 -14.96 5.38 4.75
N ASP C 7 -14.33 6.17 3.88
CA ASP C 7 -14.94 7.37 3.28
C ASP C 7 -16.12 7.06 2.36
N ASP C 8 -16.14 5.87 1.77
CA ASP C 8 -17.27 5.42 0.95
C ASP C 8 -18.53 5.22 1.79
N LEU C 9 -18.34 5.03 3.09
CA LEU C 9 -19.42 4.63 3.99
C LEU C 9 -19.88 5.72 4.96
N ILE C 10 -19.47 6.97 4.73
CA ILE C 10 -19.90 8.09 5.55
C ILE C 10 -21.41 8.27 5.44
N ASN C 11 -22.07 8.35 6.60
CA ASN C 11 -23.52 8.49 6.68
C ASN C 11 -24.27 7.55 5.73
N ILE C 12 -24.04 6.25 5.93
CA ILE C 12 -24.62 5.20 5.07
C ILE C 12 -26.16 5.25 5.06
N ASN C 13 -26.74 5.70 6.18
CA ASN C 13 -28.19 5.77 6.33
C ASN C 13 -28.85 6.71 5.33
N MET C 14 -28.22 7.86 5.08
CA MET C 14 -28.73 8.81 4.10
C MET C 14 -28.42 8.37 2.66
N GLN C 15 -27.33 7.61 2.48
CA GLN C 15 -26.99 7.05 1.18
C GLN C 15 -28.01 5.99 0.77
N LEU C 16 -28.45 5.20 1.75
CA LEU C 16 -29.43 4.15 1.52
C LEU C 16 -30.82 4.72 1.24
N GLN C 17 -31.20 5.73 2.02
CA GLN C 17 -32.48 6.44 1.82
C GLN C 17 -32.60 7.04 0.43
N LYS C 18 -31.54 7.70 -0.03
CA LYS C 18 -31.53 8.33 -1.35
C LYS C 18 -31.55 7.30 -2.48
N ALA C 19 -30.86 6.19 -2.27
CA ALA C 19 -30.85 5.08 -3.23
C ALA C 19 -32.23 4.42 -3.30
N ASP C 20 -32.84 4.21 -2.13
CA ASP C 20 -34.17 3.62 -2.02
C ASP C 20 -35.22 4.49 -2.70
N SER C 21 -35.06 5.81 -2.56
CA SER C 21 -35.93 6.78 -3.21
C SER C 21 -35.74 6.79 -4.73
N ALA C 22 -34.49 6.62 -5.16
CA ALA C 22 -34.15 6.58 -6.58
C ALA C 22 -34.64 5.30 -7.26
N VAL C 23 -34.56 4.18 -6.53
CA VAL C 23 -35.11 2.89 -6.99
C VAL C 23 -36.62 3.01 -7.18
N GLN C 24 -37.28 3.66 -6.22
CA GLN C 24 -38.72 3.95 -6.29
C GLN C 24 -39.12 4.71 -7.55
N GLU C 25 -38.39 5.79 -7.84
CA GLU C 25 -38.64 6.63 -9.01
C GLU C 25 -38.51 5.86 -10.34
N VAL C 26 -37.49 5.02 -10.41
CA VAL C 26 -37.17 4.29 -11.64
C VAL C 26 -38.07 3.06 -11.84
N THR C 27 -38.29 2.30 -10.78
CA THR C 27 -38.93 0.98 -10.87
C THR C 27 -40.38 0.93 -10.37
N GLY C 28 -40.75 1.87 -9.50
CA GLY C 28 -42.07 1.87 -8.87
C GLY C 28 -42.11 1.05 -7.59
N LEU C 29 -41.00 0.39 -7.29
CA LEU C 29 -40.86 -0.40 -6.07
C LEU C 29 -39.67 0.10 -5.26
N ASP C 30 -39.71 -0.10 -3.94
CA ASP C 30 -38.55 0.17 -3.10
C ASP C 30 -37.61 -1.04 -3.11
N ILE C 31 -36.47 -0.93 -2.41
CA ILE C 31 -35.50 -2.02 -2.38
C ILE C 31 -36.11 -3.33 -1.84
N LYS C 32 -36.95 -3.22 -0.82
CA LYS C 32 -37.70 -4.37 -0.32
C LYS C 32 -38.53 -5.03 -1.44
N GLY C 33 -39.23 -4.20 -2.21
CA GLY C 33 -40.04 -4.66 -3.33
C GLY C 33 -39.25 -5.41 -4.39
N ILE C 34 -38.07 -4.88 -4.73
CA ILE C 34 -37.17 -5.52 -5.69
C ILE C 34 -36.73 -6.90 -5.19
N CYS C 35 -36.31 -6.96 -3.92
CA CYS C 35 -35.89 -8.20 -3.28
C CYS C 35 -37.03 -9.21 -3.21
N LYS C 36 -38.23 -8.69 -2.99
CA LYS C 36 -39.44 -9.49 -2.94
C LYS C 36 -39.73 -10.08 -4.33
N ALA C 37 -39.54 -9.26 -5.37
CA ALA C 37 -39.73 -9.71 -6.75
C ALA C 37 -38.66 -10.72 -7.16
N LEU C 38 -37.45 -10.56 -6.63
CA LEU C 38 -36.33 -11.45 -6.94
C LEU C 38 -36.40 -12.80 -6.23
N TYR C 39 -36.72 -12.76 -4.93
CA TYR C 39 -36.58 -13.95 -4.09
C TYR C 39 -37.89 -14.40 -3.44
N GLY C 40 -38.94 -13.59 -3.56
CA GLY C 40 -40.26 -13.93 -3.01
C GLY C 40 -40.36 -13.83 -1.50
N THR C 41 -39.43 -13.11 -0.89
CA THR C 41 -39.29 -13.09 0.57
C THR C 41 -39.60 -11.74 1.21
N PHE C 42 -40.12 -11.80 2.43
CA PHE C 42 -40.23 -10.65 3.33
C PHE C 42 -39.40 -10.94 4.56
N SER C 43 -38.86 -9.89 5.17
CA SER C 43 -38.11 -10.02 6.42
C SER C 43 -39.06 -10.24 7.61
N SER C 44 -38.58 -11.01 8.59
CA SER C 44 -39.35 -11.32 9.80
C SER C 44 -38.50 -11.09 11.05
N SER C 45 -37.87 -9.91 11.12
CA SER C 45 -37.02 -9.53 12.25
C SER C 45 -35.93 -10.56 12.57
N GLU C 46 -35.42 -11.22 11.53
CA GLU C 46 -34.40 -12.25 11.70
C GLU C 46 -33.19 -11.70 12.42
N LYS C 47 -32.67 -12.48 13.37
CA LYS C 47 -31.51 -12.09 14.14
C LYS C 47 -30.25 -12.34 13.32
N VAL C 48 -29.56 -11.26 12.96
CA VAL C 48 -28.35 -11.37 12.16
C VAL C 48 -27.12 -10.91 12.95
N GLY C 49 -26.13 -11.81 13.01
CA GLY C 49 -24.87 -11.54 13.67
C GLY C 49 -23.84 -11.10 12.65
N ILE C 50 -23.29 -9.91 12.87
CA ILE C 50 -22.28 -9.32 12.00
C ILE C 50 -20.92 -9.50 12.65
N VAL C 51 -20.04 -10.22 11.97
CA VAL C 51 -18.73 -10.60 12.53
C VAL C 51 -17.60 -9.88 11.80
N PRO C 52 -16.91 -8.95 12.49
CA PRO C 52 -15.73 -8.28 11.93
C PRO C 52 -14.62 -9.28 11.66
N VAL C 53 -13.87 -9.06 10.58
CA VAL C 53 -12.86 -10.01 10.13
C VAL C 53 -11.54 -9.27 9.89
N THR C 54 -10.47 -9.75 10.53
CA THR C 54 -9.14 -9.12 10.44
C THR C 54 -8.27 -9.70 9.33
N SER C 55 -8.84 -10.63 8.56
CA SER C 55 -8.13 -11.35 7.49
C SER C 55 -7.68 -10.43 6.35
N GLY C 56 -6.53 -10.77 5.76
CA GLY C 56 -5.97 -10.00 4.65
C GLY C 56 -5.71 -8.55 5.04
N ASN C 57 -6.36 -7.63 4.31
CA ASN C 57 -6.22 -6.20 4.55
C ASN C 57 -6.82 -5.75 5.89
N GLY C 58 -7.63 -6.61 6.51
CA GLY C 58 -8.13 -6.39 7.86
C GLY C 58 -9.45 -5.66 7.93
N ILE C 59 -9.81 -5.26 9.15
CA ILE C 59 -11.05 -4.55 9.41
C ILE C 59 -11.09 -3.20 8.69
N ILE C 60 -12.19 -2.93 8.00
CA ILE C 60 -12.40 -1.64 7.33
C ILE C 60 -13.23 -0.73 8.22
N GLY C 61 -12.71 0.46 8.49
CA GLY C 61 -13.43 1.47 9.28
C GLY C 61 -14.84 1.69 8.73
N ASN C 62 -15.82 1.67 9.62
CA ASN C 62 -17.24 1.88 9.30
C ASN C 62 -17.98 0.66 8.72
N PHE C 63 -17.26 -0.40 8.36
CA PHE C 63 -17.86 -1.53 7.66
C PHE C 63 -18.95 -2.24 8.46
N SER C 64 -18.62 -2.70 9.66
CA SER C 64 -19.58 -3.42 10.50
C SER C 64 -20.71 -2.52 11.00
N ALA C 65 -20.36 -1.28 11.34
CA ALA C 65 -21.35 -0.27 11.75
C ALA C 65 -22.33 0.04 10.63
N SER C 66 -21.84 0.06 9.39
CA SER C 66 -22.68 0.29 8.22
C SER C 66 -23.62 -0.89 7.99
N LEU C 67 -23.08 -2.11 8.13
CA LEU C 67 -23.88 -3.32 8.01
C LEU C 67 -24.96 -3.38 9.08
N HIS C 68 -24.65 -2.84 10.26
CA HIS C 68 -25.60 -2.76 11.35
C HIS C 68 -26.76 -1.82 11.02
N ALA C 69 -26.42 -0.65 10.46
CA ALA C 69 -27.42 0.33 10.03
C ALA C 69 -28.26 -0.19 8.86
N ILE C 70 -27.60 -0.83 7.90
CA ILE C 70 -28.27 -1.41 6.72
C ILE C 70 -29.29 -2.47 7.12
N THR C 71 -28.88 -3.39 7.98
CA THR C 71 -29.77 -4.46 8.46
C THR C 71 -30.93 -3.93 9.32
N GLN C 72 -30.66 -2.91 10.13
CA GLN C 72 -31.69 -2.26 10.94
C GLN C 72 -32.72 -1.58 10.04
N TYR C 73 -32.25 -0.96 8.97
CA TYR C 73 -33.08 -0.29 7.97
C TYR C 73 -34.09 -1.24 7.34
N PHE C 74 -33.65 -2.45 6.99
CA PHE C 74 -34.54 -3.43 6.34
C PHE C 74 -35.34 -4.30 7.31
N GLY C 75 -35.30 -3.94 8.59
CA GLY C 75 -36.15 -4.59 9.59
C GLY C 75 -35.56 -5.80 10.28
N PHE C 76 -34.26 -6.00 10.17
CA PHE C 76 -33.59 -7.12 10.82
C PHE C 76 -33.12 -6.78 12.23
N ASP C 77 -33.12 -7.78 13.09
CA ASP C 77 -32.63 -7.65 14.47
C ASP C 77 -31.14 -7.97 14.49
N SER C 78 -30.32 -6.97 14.20
CA SER C 78 -28.90 -7.18 14.01
C SER C 78 -28.03 -6.73 15.19
N PHE C 79 -26.85 -7.33 15.29
CA PHE C 79 -25.85 -6.93 16.26
C PHE C 79 -24.44 -7.16 15.70
N VAL C 80 -23.48 -6.39 16.18
CA VAL C 80 -22.07 -6.60 15.83
C VAL C 80 -21.38 -7.23 17.03
N THR C 81 -20.69 -8.33 16.81
CA THR C 81 -19.93 -9.01 17.86
C THR C 81 -18.74 -8.15 18.30
N ASP C 82 -18.39 -8.25 19.58
CA ASP C 82 -17.22 -7.54 20.11
C ASP C 82 -15.92 -8.12 19.55
N MET C 83 -15.84 -9.45 19.54
CA MET C 83 -14.66 -10.15 19.02
C MET C 83 -14.74 -10.32 17.50
N PRO C 84 -13.58 -10.35 16.84
CA PRO C 84 -13.54 -10.64 15.41
C PRO C 84 -13.30 -12.12 15.11
N ASP C 85 -13.39 -12.49 13.83
CA ASP C 85 -12.94 -13.80 13.35
C ASP C 85 -13.67 -15.00 13.96
N VAL C 86 -12.93 -16.03 14.35
CA VAL C 86 -13.52 -17.27 14.88
C VAL C 86 -14.15 -17.04 16.26
N SER C 87 -13.49 -16.25 17.11
CA SER C 87 -14.05 -15.84 18.38
C SER C 87 -15.36 -15.06 18.18
N GLY C 88 -15.38 -14.21 17.15
CA GLY C 88 -16.58 -13.46 16.77
C GLY C 88 -17.70 -14.34 16.27
N TYR C 89 -17.37 -15.33 15.43
CA TYR C 89 -18.34 -16.31 14.94
C TYR C 89 -18.98 -17.06 16.11
N TYR C 90 -18.13 -17.53 17.03
CA TYR C 90 -18.58 -18.20 18.24
C TYR C 90 -19.54 -17.31 19.03
N GLU C 91 -19.15 -16.04 19.18
CA GLU C 91 -19.96 -15.06 19.91
C GLU C 91 -21.33 -14.84 19.25
N ALA C 92 -21.34 -14.77 17.92
CA ALA C 92 -22.58 -14.59 17.17
C ALA C 92 -23.56 -15.73 17.37
N VAL C 93 -23.09 -16.96 17.19
CA VAL C 93 -23.92 -18.16 17.35
C VAL C 93 -24.40 -18.31 18.81
N GLN C 94 -23.51 -18.05 19.76
CA GLN C 94 -23.85 -18.12 21.18
C GLN C 94 -24.92 -17.09 21.57
N ASN C 95 -24.85 -15.92 20.94
CA ASN C 95 -25.80 -14.84 21.19
C ASN C 95 -27.12 -14.98 20.43
N GLY C 96 -27.27 -16.08 19.69
CA GLY C 96 -28.54 -16.43 19.03
C GLY C 96 -28.73 -15.91 17.62
N ALA C 97 -27.64 -15.64 16.91
CA ALA C 97 -27.72 -15.21 15.52
C ALA C 97 -28.31 -16.31 14.64
N GLU C 98 -29.27 -15.95 13.81
CA GLU C 98 -29.91 -16.88 12.87
C GLU C 98 -29.26 -16.79 11.49
N ILE C 99 -28.80 -15.59 11.14
CA ILE C 99 -28.02 -15.38 9.92
C ILE C 99 -26.66 -14.79 10.32
N ILE C 100 -25.59 -15.35 9.76
CA ILE C 100 -24.25 -14.83 9.96
C ILE C 100 -23.87 -13.99 8.76
N LEU C 101 -23.38 -12.78 9.01
CA LEU C 101 -22.95 -11.85 7.97
C LEU C 101 -21.49 -11.49 8.22
N MET C 102 -20.62 -11.81 7.26
CA MET C 102 -19.18 -11.57 7.41
C MET C 102 -18.44 -11.53 6.07
N ALA C 103 -17.29 -10.86 6.07
CA ALA C 103 -16.52 -10.67 4.85
C ALA C 103 -15.02 -10.69 5.09
N ASP C 104 -14.29 -11.45 4.28
CA ASP C 104 -12.85 -11.21 4.11
C ASP C 104 -12.62 -10.44 2.81
N ASP C 105 -11.37 -10.38 2.32
CA ASP C 105 -11.06 -9.58 1.14
C ASP C 105 -11.66 -10.12 -0.16
N ARG C 106 -11.97 -11.42 -0.18
CA ARG C 106 -12.42 -12.06 -1.40
C ARG C 106 -13.88 -12.51 -1.38
N THR C 107 -14.41 -12.77 -0.18
CA THR C 107 -15.77 -13.26 -0.03
C THR C 107 -16.54 -12.51 1.05
N PHE C 108 -17.69 -11.97 0.67
CA PHE C 108 -18.67 -11.40 1.60
C PHE C 108 -19.93 -12.26 1.53
N LEU C 109 -20.24 -12.94 2.63
CA LEU C 109 -21.33 -13.91 2.65
C LEU C 109 -22.42 -13.61 3.67
N ALA C 110 -23.59 -14.20 3.44
CA ALA C 110 -24.65 -14.30 4.42
C ALA C 110 -25.02 -15.77 4.53
N HIS C 111 -25.00 -16.32 5.75
CA HIS C 111 -25.37 -17.71 5.97
C HIS C 111 -26.52 -17.85 6.95
N ASN C 112 -27.68 -18.22 6.42
CA ASN C 112 -28.86 -18.49 7.23
C ASN C 112 -28.77 -19.87 7.88
N LEU C 113 -28.60 -19.88 9.20
CA LEU C 113 -28.47 -21.12 9.96
C LEU C 113 -29.81 -21.83 10.12
N LYS C 114 -30.89 -21.11 9.88
CA LYS C 114 -32.24 -21.64 10.04
C LYS C 114 -32.71 -22.48 8.84
N ASN C 115 -32.18 -22.19 7.66
CA ASN C 115 -32.59 -22.91 6.45
C ASN C 115 -31.43 -23.42 5.57
N GLY C 116 -30.21 -23.11 5.99
CA GLY C 116 -29.01 -23.58 5.28
C GLY C 116 -28.64 -22.83 4.00
N LYS C 117 -29.38 -21.77 3.69
CA LYS C 117 -29.09 -20.97 2.49
C LYS C 117 -27.93 -20.03 2.73
N MET C 118 -27.10 -19.87 1.70
CA MET C 118 -25.92 -18.99 1.78
C MET C 118 -25.78 -18.17 0.52
N ALA C 119 -25.47 -16.89 0.69
CA ALA C 119 -25.35 -15.96 -0.43
C ALA C 119 -23.94 -15.39 -0.54
N ASN C 120 -23.53 -15.10 -1.77
CA ASN C 120 -22.28 -14.41 -2.06
C ASN C 120 -22.60 -13.00 -2.57
N ASN C 121 -21.91 -12.00 -2.01
CA ASN C 121 -22.17 -10.60 -2.36
C ASN C 121 -22.09 -10.29 -3.85
N GLN C 122 -21.14 -10.90 -4.54
CA GLN C 122 -20.86 -10.57 -5.94
C GLN C 122 -22.02 -10.87 -6.91
N PRO C 123 -22.49 -12.14 -6.98
CA PRO C 123 -23.68 -12.36 -7.82
C PRO C 123 -24.92 -11.64 -7.32
N CYS C 124 -25.08 -11.57 -5.99
CA CYS C 124 -26.24 -10.89 -5.38
C CYS C 124 -26.33 -9.42 -5.77
N THR C 125 -25.18 -8.74 -5.74
CA THR C 125 -25.10 -7.33 -6.12
C THR C 125 -25.36 -7.15 -7.62
N GLY C 126 -24.76 -8.00 -8.44
CA GLY C 126 -24.95 -7.95 -9.89
C GLY C 126 -26.40 -8.16 -10.29
N ILE C 127 -27.02 -9.17 -9.69
CA ILE C 127 -28.42 -9.51 -9.97
C ILE C 127 -29.38 -8.37 -9.60
N ILE C 128 -29.23 -7.82 -8.39
CA ILE C 128 -30.15 -6.77 -7.92
C ILE C 128 -30.00 -5.44 -8.68
N TYR C 129 -28.77 -5.05 -9.00
CA TYR C 129 -28.54 -3.84 -9.78
C TYR C 129 -28.98 -3.99 -11.23
N ALA C 130 -28.83 -5.19 -11.76
CA ALA C 130 -29.35 -5.52 -13.09
C ALA C 130 -30.88 -5.58 -13.09
N GLU C 131 -31.46 -6.06 -11.99
CA GLU C 131 -32.91 -6.12 -11.83
C GLU C 131 -33.53 -4.72 -11.77
N ILE C 132 -32.89 -3.84 -10.99
CA ILE C 132 -33.32 -2.44 -10.89
C ILE C 132 -33.27 -1.77 -12.26
N ALA C 133 -32.20 -2.03 -13.00
CA ALA C 133 -32.05 -1.52 -14.37
C ALA C 133 -33.15 -2.03 -15.30
N SER C 134 -33.45 -3.33 -15.21
CA SER C 134 -34.44 -3.98 -16.08
C SER C 134 -35.87 -3.52 -15.83
N ARG C 135 -36.11 -2.97 -14.64
CA ARG C 135 -37.46 -2.57 -14.23
C ARG C 135 -37.72 -1.07 -14.41
N TYR C 136 -36.96 -0.44 -15.31
CA TYR C 136 -37.18 0.95 -15.66
C TYR C 136 -38.52 1.09 -16.37
N LEU C 137 -39.44 1.81 -15.74
CA LEU C 137 -40.81 1.96 -16.21
C LEU C 137 -40.93 2.73 -17.53
N LYS C 138 -40.10 3.77 -17.68
CA LYS C 138 -40.14 4.63 -18.86
C LYS C 138 -39.20 4.17 -19.98
N ALA C 139 -38.74 2.92 -19.89
CA ALA C 139 -37.92 2.33 -20.94
C ALA C 139 -38.80 1.96 -22.14
N ASP C 140 -38.40 2.40 -23.32
CA ASP C 140 -39.13 2.13 -24.55
C ASP C 140 -38.43 1.06 -25.40
N SER C 141 -37.40 0.44 -24.82
CA SER C 141 -36.58 -0.53 -25.54
C SER C 141 -36.22 -1.73 -24.67
N LYS C 142 -35.97 -2.87 -25.33
CA LYS C 142 -35.52 -4.09 -24.66
C LYS C 142 -33.99 -4.14 -24.60
N ASP C 143 -33.34 -3.11 -25.15
CA ASP C 143 -31.88 -3.03 -25.20
C ASP C 143 -31.30 -2.57 -23.86
N VAL C 144 -30.19 -3.22 -23.47
CA VAL C 144 -29.46 -2.84 -22.26
C VAL C 144 -27.95 -2.93 -22.53
N LEU C 145 -27.22 -1.93 -22.03
CA LEU C 145 -25.77 -1.92 -22.11
C LEU C 145 -25.17 -2.33 -20.77
N VAL C 146 -24.30 -3.33 -20.80
CA VAL C 146 -23.54 -3.75 -19.62
C VAL C 146 -22.05 -3.45 -19.84
N VAL C 147 -21.48 -2.62 -18.97
CA VAL C 147 -20.05 -2.31 -19.00
C VAL C 147 -19.39 -2.90 -17.75
N GLY C 148 -18.41 -3.78 -17.98
CA GLY C 148 -17.77 -4.53 -16.90
C GLY C 148 -18.45 -5.88 -16.74
N LEU C 149 -17.72 -6.94 -17.06
CA LEU C 149 -18.26 -8.30 -17.01
C LEU C 149 -17.45 -9.20 -16.07
N GLY C 150 -17.10 -8.65 -14.91
CA GLY C 150 -16.34 -9.38 -13.89
C GLY C 150 -17.25 -10.12 -12.92
N LYS C 151 -16.84 -10.17 -11.65
CA LYS C 151 -17.56 -10.96 -10.65
C LYS C 151 -18.96 -10.43 -10.34
N VAL C 152 -19.15 -9.12 -10.51
CA VAL C 152 -20.45 -8.49 -10.30
C VAL C 152 -21.19 -8.33 -11.64
N GLY C 153 -20.47 -7.88 -12.66
CA GLY C 153 -21.05 -7.61 -13.99
C GLY C 153 -21.57 -8.83 -14.74
N PHE C 154 -20.82 -9.93 -14.68
CA PHE C 154 -21.18 -11.15 -15.40
C PHE C 154 -22.54 -11.73 -14.97
N PRO C 155 -22.73 -12.01 -13.66
CA PRO C 155 -24.03 -12.54 -13.22
C PRO C 155 -25.18 -11.54 -13.39
N GLY C 156 -24.85 -10.25 -13.39
CA GLY C 156 -25.83 -9.21 -13.71
C GLY C 156 -26.29 -9.30 -15.15
N ALA C 157 -25.31 -9.42 -16.05
CA ALA C 157 -25.57 -9.61 -17.48
C ALA C 157 -26.34 -10.91 -17.72
N GLU C 158 -25.91 -11.98 -17.06
CA GLU C 158 -26.57 -13.29 -17.13
C GLU C 158 -28.04 -13.19 -16.72
N HIS C 159 -28.31 -12.41 -15.68
CA HIS C 159 -29.68 -12.18 -15.20
C HIS C 159 -30.53 -11.43 -16.23
N LEU C 160 -29.92 -10.49 -16.95
CA LEU C 160 -30.61 -9.73 -17.99
C LEU C 160 -30.92 -10.57 -19.23
N VAL C 161 -30.05 -11.54 -19.52
CA VAL C 161 -30.26 -12.49 -20.61
C VAL C 161 -31.47 -13.39 -20.32
N GLN C 162 -31.58 -13.86 -19.07
CA GLN C 162 -32.70 -14.71 -18.64
C GLN C 162 -34.04 -13.98 -18.77
N LYS C 163 -34.03 -12.67 -18.56
CA LYS C 163 -35.25 -11.85 -18.58
C LYS C 163 -35.62 -11.34 -19.98
N ASP C 164 -35.04 -11.98 -21.01
CA ASP C 164 -35.33 -11.68 -22.42
C ASP C 164 -35.09 -10.22 -22.82
N PHE C 165 -33.94 -9.68 -22.42
CA PHE C 165 -33.49 -8.36 -22.87
C PHE C 165 -32.43 -8.55 -23.95
N ARG C 166 -32.32 -7.58 -24.85
CA ARG C 166 -31.23 -7.59 -25.83
C ARG C 166 -30.00 -6.98 -25.17
N VAL C 167 -29.11 -7.84 -24.71
CA VAL C 167 -27.96 -7.42 -23.90
C VAL C 167 -26.72 -7.13 -24.73
N TYR C 168 -26.29 -5.87 -24.70
CA TYR C 168 -25.01 -5.45 -25.25
C TYR C 168 -24.00 -5.40 -24.11
N GLY C 169 -22.83 -5.99 -24.33
CA GLY C 169 -21.82 -6.07 -23.30
C GLY C 169 -20.46 -5.56 -23.74
N TYR C 170 -19.77 -4.88 -22.83
CA TYR C 170 -18.39 -4.47 -23.07
C TYR C 170 -17.53 -4.60 -21.81
N ASP C 171 -16.34 -5.15 -22.01
CA ASP C 171 -15.33 -5.18 -20.96
C ASP C 171 -13.97 -4.89 -21.59
N ALA C 172 -13.17 -4.09 -20.90
CA ALA C 172 -11.84 -3.71 -21.36
C ALA C 172 -10.89 -4.93 -21.47
N ASP C 173 -11.16 -5.96 -20.67
CA ASP C 173 -10.47 -7.25 -20.79
C ASP C 173 -11.09 -8.02 -21.95
N GLU C 174 -10.30 -8.22 -23.01
CA GLU C 174 -10.79 -8.86 -24.24
C GLU C 174 -11.20 -10.32 -24.03
N THR C 175 -10.47 -11.02 -23.16
CA THR C 175 -10.75 -12.42 -22.84
C THR C 175 -12.10 -12.58 -22.12
N LEU C 176 -12.36 -11.70 -21.15
CA LEU C 176 -13.63 -11.71 -20.42
C LEU C 176 -14.83 -11.41 -21.31
N LEU C 177 -14.67 -10.45 -22.22
CA LEU C 177 -15.72 -10.12 -23.18
C LEU C 177 -16.01 -11.31 -24.10
N GLU C 178 -14.93 -11.96 -24.53
CA GLU C 178 -15.01 -13.13 -25.42
C GLU C 178 -15.65 -14.34 -24.71
N ARG C 179 -15.35 -14.50 -23.42
CA ARG C 179 -15.95 -15.56 -22.61
C ARG C 179 -17.44 -15.33 -22.35
N ALA C 180 -17.81 -14.07 -22.14
CA ALA C 180 -19.19 -13.70 -21.86
C ALA C 180 -20.09 -13.78 -23.10
N THR C 181 -19.51 -13.50 -24.27
CA THR C 181 -20.26 -13.58 -25.53
C THR C 181 -20.57 -15.02 -25.92
N SER C 182 -19.64 -15.93 -25.62
CA SER C 182 -19.84 -17.35 -25.91
C SER C 182 -20.76 -18.03 -24.89
N ASN C 183 -20.52 -17.77 -23.61
CA ASN C 183 -21.27 -18.42 -22.52
C ASN C 183 -22.69 -17.89 -22.31
N LEU C 184 -22.91 -16.61 -22.61
CA LEU C 184 -24.20 -15.95 -22.36
C LEU C 184 -24.93 -15.55 -23.63
N GLY C 185 -24.20 -15.43 -24.74
CA GLY C 185 -24.79 -15.03 -26.02
C GLY C 185 -25.14 -13.55 -26.08
N ILE C 186 -24.33 -12.73 -25.43
CA ILE C 186 -24.49 -11.27 -25.48
C ILE C 186 -23.82 -10.69 -26.73
N ILE C 187 -24.27 -9.52 -27.15
CA ILE C 187 -23.68 -8.84 -28.31
C ILE C 187 -22.47 -8.01 -27.87
N PRO C 188 -21.28 -8.30 -28.44
CA PRO C 188 -20.08 -7.52 -28.13
C PRO C 188 -20.22 -6.08 -28.63
N PHE C 189 -20.11 -5.13 -27.71
CA PHE C 189 -20.32 -3.73 -28.02
C PHE C 189 -19.02 -3.01 -28.36
N ASP C 190 -18.99 -2.37 -29.52
CA ASP C 190 -17.83 -1.60 -29.95
C ASP C 190 -17.98 -0.13 -29.52
N PRO C 191 -17.01 0.36 -28.71
CA PRO C 191 -17.02 1.77 -28.29
C PRO C 191 -16.77 2.77 -29.43
N ALA C 192 -16.28 2.28 -30.57
CA ALA C 192 -15.99 3.14 -31.73
C ALA C 192 -17.26 3.67 -32.40
N ASN C 193 -18.15 2.78 -32.82
CA ASN C 193 -19.47 3.19 -33.33
C ASN C 193 -20.62 2.72 -32.43
N PRO C 194 -21.09 3.62 -31.54
CA PRO C 194 -22.07 3.31 -30.52
C PRO C 194 -23.51 3.67 -30.88
N LYS C 195 -24.44 3.25 -30.01
CA LYS C 195 -25.84 3.62 -30.10
C LYS C 195 -26.31 4.14 -28.74
N LYS C 196 -27.46 4.80 -28.71
CA LYS C 196 -28.00 5.35 -27.47
C LYS C 196 -28.78 4.32 -26.67
N PHE C 197 -28.62 4.35 -25.35
CA PHE C 197 -29.31 3.43 -24.44
C PHE C 197 -30.11 4.20 -23.39
N SER C 198 -31.28 3.67 -23.04
CA SER C 198 -32.08 4.20 -21.94
C SER C 198 -31.82 3.41 -20.65
N ILE C 199 -31.20 2.24 -20.79
CA ILE C 199 -30.86 1.38 -19.66
C ILE C 199 -29.38 0.99 -19.72
N ILE C 200 -28.63 1.36 -18.70
CA ILE C 200 -27.22 0.99 -18.59
C ILE C 200 -26.89 0.41 -17.22
N PHE C 201 -26.22 -0.75 -17.22
CA PHE C 201 -25.73 -1.38 -16.00
C PHE C 201 -24.20 -1.42 -16.05
N GLU C 202 -23.57 -0.88 -15.02
CA GLU C 202 -22.10 -0.80 -14.98
C GLU C 202 -21.53 -1.36 -13.68
N ALA C 203 -20.52 -2.22 -13.81
CA ALA C 203 -19.86 -2.82 -12.65
C ALA C 203 -18.34 -2.79 -12.83
N THR C 204 -17.76 -1.63 -12.55
CA THR C 204 -16.36 -1.37 -12.82
C THR C 204 -15.76 -0.53 -11.69
N PRO C 205 -14.48 -0.79 -11.33
CA PRO C 205 -13.81 0.04 -10.31
C PRO C 205 -13.19 1.33 -10.87
N CYS C 206 -13.67 1.77 -12.03
CA CYS C 206 -13.06 2.89 -12.74
C CYS C 206 -14.06 4.01 -13.04
N ALA C 207 -13.54 5.23 -13.12
CA ALA C 207 -14.35 6.40 -13.47
C ALA C 207 -14.48 6.56 -14.98
N ASN C 208 -15.55 7.21 -15.41
CA ASN C 208 -15.77 7.63 -16.80
C ASN C 208 -15.69 6.51 -17.84
N THR C 209 -16.37 5.40 -17.53
CA THR C 209 -16.40 4.21 -18.39
C THR C 209 -17.60 4.22 -19.35
N ILE C 210 -18.53 5.15 -19.14
CA ILE C 210 -19.69 5.30 -20.01
C ILE C 210 -19.47 6.52 -20.92
N PRO C 211 -19.21 6.27 -22.23
CA PRO C 211 -19.00 7.36 -23.18
C PRO C 211 -20.28 8.16 -23.41
N GLU C 212 -20.13 9.45 -23.74
CA GLU C 212 -21.25 10.36 -23.93
C GLU C 212 -22.22 9.92 -25.02
N ALA C 213 -21.68 9.40 -26.13
CA ALA C 213 -22.47 8.97 -27.28
C ALA C 213 -23.47 7.85 -26.96
N VAL C 214 -23.21 7.13 -25.88
CA VAL C 214 -24.05 6.03 -25.41
C VAL C 214 -25.29 6.53 -24.66
N LEU C 215 -25.16 7.70 -24.03
CA LEU C 215 -26.21 8.25 -23.18
C LEU C 215 -27.41 8.81 -23.96
N SER C 216 -28.59 8.75 -23.33
CA SER C 216 -29.79 9.38 -23.86
C SER C 216 -30.52 10.14 -22.74
N GLU C 217 -31.48 10.97 -23.12
CA GLU C 217 -32.28 11.76 -22.17
C GLU C 217 -32.94 10.90 -21.10
N ASN C 218 -32.72 11.27 -19.84
CA ASN C 218 -33.34 10.62 -18.68
C ASN C 218 -33.06 9.13 -18.54
N CYS C 219 -31.96 8.67 -19.12
CA CYS C 219 -31.60 7.25 -19.11
C CYS C 219 -31.17 6.79 -17.72
N VAL C 220 -31.34 5.50 -17.46
CA VAL C 220 -31.03 4.92 -16.15
C VAL C 220 -29.64 4.29 -16.14
N LEU C 221 -28.86 4.68 -15.14
CA LEU C 221 -27.56 4.07 -14.90
C LEU C 221 -27.56 3.42 -13.52
N SER C 222 -27.64 2.09 -13.52
CA SER C 222 -27.61 1.30 -12.31
C SER C 222 -26.18 0.78 -12.15
N THR C 223 -25.51 1.20 -11.08
CA THR C 223 -24.08 0.91 -10.92
C THR C 223 -23.62 0.74 -9.47
N PRO C 224 -23.13 -0.46 -9.13
CA PRO C 224 -22.46 -0.69 -7.84
C PRO C 224 -21.01 -0.23 -7.85
N GLY C 225 -20.49 0.08 -9.04
CA GLY C 225 -19.09 0.46 -9.21
C GLY C 225 -18.67 1.72 -8.48
N ILE C 226 -17.41 1.75 -8.05
CA ILE C 226 -16.84 2.89 -7.34
C ILE C 226 -15.44 3.15 -7.93
N PRO C 227 -15.14 4.42 -8.28
CA PRO C 227 -16.00 5.61 -8.26
C PRO C 227 -17.04 5.60 -9.38
N CYS C 228 -17.79 6.70 -9.51
CA CYS C 228 -18.90 6.77 -10.46
C CYS C 228 -18.48 6.62 -11.92
N ALA C 229 -19.20 5.76 -12.64
CA ALA C 229 -18.97 5.46 -14.05
C ALA C 229 -19.11 6.68 -14.95
N ILE C 230 -19.76 7.71 -14.42
CA ILE C 230 -20.07 8.92 -15.18
C ILE C 230 -19.68 10.15 -14.36
N SER C 231 -19.19 11.19 -15.03
CA SER C 231 -18.88 12.45 -14.39
C SER C 231 -20.17 13.18 -14.01
N GLU C 232 -20.07 14.12 -13.08
CA GLU C 232 -21.24 14.89 -12.63
C GLU C 232 -21.79 15.78 -13.75
N GLU C 233 -20.90 16.26 -14.62
CA GLU C 233 -21.29 17.10 -15.75
C GLU C 233 -22.13 16.33 -16.77
N LEU C 234 -21.69 15.11 -17.10
CA LEU C 234 -22.44 14.25 -18.02
C LEU C 234 -23.74 13.74 -17.42
N ARG C 235 -23.77 13.61 -16.09
CA ARG C 235 -24.97 13.21 -15.37
C ARG C 235 -26.05 14.30 -15.43
N ASP C 236 -25.64 15.54 -15.21
CA ASP C 236 -26.56 16.68 -15.25
C ASP C 236 -27.05 17.00 -16.66
N LYS C 237 -26.13 16.91 -17.63
CA LYS C 237 -26.42 17.24 -19.03
C LYS C 237 -27.53 16.37 -19.62
N TYR C 238 -27.49 15.08 -19.32
CA TYR C 238 -28.47 14.12 -19.86
C TYR C 238 -29.54 13.73 -18.84
N GLU C 239 -29.57 14.42 -17.70
CA GLU C 239 -30.51 14.16 -16.61
C GLU C 239 -30.58 12.67 -16.24
N VAL C 240 -29.40 12.05 -16.12
CA VAL C 240 -29.28 10.61 -15.87
C VAL C 240 -29.90 10.22 -14.53
N GLN C 241 -30.74 9.19 -14.56
CA GLN C 241 -31.30 8.63 -13.33
C GLN C 241 -30.31 7.62 -12.76
N LEU C 242 -29.59 8.05 -11.74
CA LEU C 242 -28.43 7.31 -11.23
C LEU C 242 -28.75 6.50 -9.97
N ILE C 243 -28.64 5.17 -10.10
CA ILE C 243 -28.76 4.27 -8.95
C ILE C 243 -27.36 3.79 -8.56
N ALA C 244 -26.83 4.39 -7.49
CA ALA C 244 -25.49 4.06 -7.01
C ALA C 244 -25.40 4.18 -5.50
N GLU C 245 -24.88 3.12 -4.88
CA GLU C 245 -24.91 2.95 -3.43
C GLU C 245 -23.83 1.92 -3.08
N PRO C 246 -23.00 2.22 -2.06
CA PRO C 246 -21.76 1.44 -1.84
C PRO C 246 -21.86 0.07 -1.15
N LEU C 247 -22.96 -0.22 -0.46
CA LEU C 247 -23.04 -1.48 0.32
C LEU C 247 -24.45 -2.04 0.55
N GLY C 248 -25.40 -1.14 0.83
CA GLY C 248 -26.75 -1.51 1.27
C GLY C 248 -27.63 -2.31 0.32
N ILE C 249 -27.61 -1.96 -0.96
CA ILE C 249 -28.43 -2.64 -1.97
C ILE C 249 -27.97 -4.08 -2.18
N GLY C 250 -26.65 -4.26 -2.32
CA GLY C 250 -26.05 -5.59 -2.44
C GLY C 250 -26.27 -6.46 -1.21
N THR C 251 -26.22 -5.82 -0.04
CA THR C 251 -26.40 -6.50 1.24
C THR C 251 -27.85 -6.98 1.40
N ALA C 252 -28.79 -6.13 0.97
CA ALA C 252 -30.21 -6.48 0.97
C ALA C 252 -30.48 -7.69 0.06
N SER C 253 -29.85 -7.68 -1.11
CA SER C 253 -29.96 -8.80 -2.05
C SER C 253 -29.47 -10.10 -1.42
N MET C 254 -28.34 -10.03 -0.73
CA MET C 254 -27.77 -11.18 -0.01
C MET C 254 -28.75 -11.73 1.00
N LEU C 255 -29.27 -10.84 1.86
CA LEU C 255 -30.12 -11.22 2.99
C LEU C 255 -31.47 -11.78 2.56
N TYR C 256 -32.10 -11.16 1.57
CA TYR C 256 -33.40 -11.63 1.08
C TYR C 256 -33.27 -12.93 0.28
N SER C 257 -32.11 -13.19 -0.30
CA SER C 257 -31.87 -14.43 -1.04
C SER C 257 -31.71 -15.65 -0.13
N VAL C 258 -31.47 -15.42 1.16
CA VAL C 258 -31.28 -16.52 2.12
C VAL C 258 -32.44 -16.69 3.11
N LEU C 259 -33.46 -15.84 3.01
CA LEU C 259 -34.62 -15.91 3.91
C LEU C 259 -35.55 -17.07 3.54
N MET D 1 -0.20 -15.93 24.41
CA MET D 1 -0.35 -17.20 25.17
C MET D 1 0.13 -18.42 24.39
N ALA D 2 -0.08 -19.61 24.94
CA ALA D 2 0.53 -20.84 24.43
C ALA D 2 -0.25 -21.54 23.32
N LEU D 3 0.24 -21.42 22.10
CA LEU D 3 -0.37 -22.07 20.93
C LEU D 3 0.48 -23.24 20.44
N LEU D 4 -0.16 -24.15 19.71
CA LEU D 4 0.53 -25.30 19.11
C LEU D 4 1.60 -24.88 18.09
N THR D 5 2.69 -25.65 18.06
CA THR D 5 3.73 -25.52 17.04
C THR D 5 3.63 -26.73 16.11
N PRO D 6 4.10 -26.60 14.85
CA PRO D 6 4.13 -27.72 13.92
C PRO D 6 4.84 -28.97 14.45
N ASP D 7 5.85 -28.78 15.30
CA ASP D 7 6.62 -29.89 15.88
C ASP D 7 5.82 -30.72 16.88
N ASP D 8 4.82 -30.11 17.51
CA ASP D 8 3.91 -30.82 18.42
C ASP D 8 3.05 -31.84 17.67
N LEU D 9 2.78 -31.55 16.40
CA LEU D 9 1.83 -32.34 15.60
C LEU D 9 2.47 -33.32 14.61
N ILE D 10 3.77 -33.61 14.79
CA ILE D 10 4.48 -34.57 13.95
C ILE D 10 3.89 -35.97 14.13
N ASN D 11 3.52 -36.59 13.01
CA ASN D 11 2.91 -37.93 12.99
C ASN D 11 1.77 -38.07 14.01
N ILE D 12 0.73 -37.27 13.80
CA ILE D 12 -0.41 -37.22 14.73
C ILE D 12 -1.15 -38.56 14.84
N ASN D 13 -1.12 -39.34 13.76
CA ASN D 13 -1.71 -40.69 13.75
C ASN D 13 -1.14 -41.60 14.82
N MET D 14 0.19 -41.64 14.90
CA MET D 14 0.90 -42.43 15.91
C MET D 14 0.62 -41.91 17.32
N GLN D 15 0.62 -40.59 17.47
CA GLN D 15 0.36 -39.95 18.77
C GLN D 15 -1.02 -40.29 19.32
N LEU D 16 -2.03 -40.20 18.44
CA LEU D 16 -3.41 -40.50 18.81
C LEU D 16 -3.59 -41.99 19.10
N GLN D 17 -2.87 -42.83 18.35
CA GLN D 17 -2.91 -44.28 18.53
C GLN D 17 -2.35 -44.68 19.90
N LYS D 18 -1.23 -44.08 20.28
CA LYS D 18 -0.62 -44.32 21.59
C LYS D 18 -1.50 -43.81 22.73
N ALA D 19 -2.11 -42.64 22.53
CA ALA D 19 -3.01 -42.04 23.50
C ALA D 19 -4.27 -42.89 23.69
N ASP D 20 -4.80 -43.42 22.60
CA ASP D 20 -5.99 -44.26 22.64
C ASP D 20 -5.74 -45.55 23.45
N SER D 21 -4.58 -46.17 23.22
CA SER D 21 -4.18 -47.37 23.96
C SER D 21 -3.98 -47.11 25.45
N ALA D 22 -3.43 -45.94 25.77
CA ALA D 22 -3.20 -45.52 27.15
C ALA D 22 -4.51 -45.25 27.89
N VAL D 23 -5.44 -44.58 27.22
CA VAL D 23 -6.77 -44.31 27.77
C VAL D 23 -7.51 -45.62 28.01
N GLN D 24 -7.36 -46.56 27.08
CA GLN D 24 -7.91 -47.90 27.17
C GLN D 24 -7.42 -48.63 28.42
N GLU D 25 -6.10 -48.58 28.65
CA GLU D 25 -5.47 -49.24 29.79
C GLU D 25 -5.93 -48.67 31.12
N VAL D 26 -6.06 -47.34 31.17
CA VAL D 26 -6.39 -46.62 32.40
C VAL D 26 -7.87 -46.75 32.78
N THR D 27 -8.75 -46.59 31.79
CA THR D 27 -10.19 -46.47 32.05
C THR D 27 -10.99 -47.72 31.67
N GLY D 28 -10.45 -48.52 30.75
CA GLY D 28 -11.18 -49.65 30.19
C GLY D 28 -11.87 -49.26 28.89
N LEU D 29 -12.14 -47.97 28.73
CA LEU D 29 -12.78 -47.44 27.54
C LEU D 29 -11.75 -46.76 26.65
N ASP D 30 -11.95 -46.87 25.33
CA ASP D 30 -11.16 -46.08 24.38
C ASP D 30 -11.70 -44.65 24.34
N ILE D 31 -11.09 -43.78 23.54
CA ILE D 31 -11.51 -42.38 23.43
C ILE D 31 -12.98 -42.28 22.99
N LYS D 32 -13.37 -43.10 22.01
CA LYS D 32 -14.78 -43.19 21.60
C LYS D 32 -15.68 -43.52 22.78
N GLY D 33 -15.27 -44.51 23.57
CA GLY D 33 -15.99 -44.93 24.77
C GLY D 33 -16.13 -43.85 25.83
N ILE D 34 -15.07 -43.05 26.02
CA ILE D 34 -15.09 -41.92 26.94
C ILE D 34 -16.08 -40.85 26.46
N CYS D 35 -16.11 -40.64 25.14
CA CYS D 35 -17.04 -39.72 24.52
C CYS D 35 -18.50 -40.20 24.61
N LYS D 36 -18.69 -41.52 24.65
CA LYS D 36 -20.02 -42.12 24.85
C LYS D 36 -20.52 -41.84 26.25
N ALA D 37 -19.64 -41.98 27.23
CA ALA D 37 -19.97 -41.75 28.64
C ALA D 37 -20.32 -40.28 28.90
N LEU D 38 -19.56 -39.38 28.28
CA LEU D 38 -19.75 -37.95 28.47
C LEU D 38 -20.98 -37.39 27.76
N TYR D 39 -21.22 -37.82 26.53
CA TYR D 39 -22.24 -37.20 25.68
C TYR D 39 -23.33 -38.16 25.18
N GLY D 40 -23.12 -39.46 25.37
CA GLY D 40 -24.09 -40.48 24.96
C GLY D 40 -24.31 -40.54 23.46
N THR D 41 -23.27 -40.23 22.69
CA THR D 41 -23.37 -40.14 21.24
C THR D 41 -22.25 -40.91 20.54
N PHE D 42 -22.46 -41.21 19.25
CA PHE D 42 -21.45 -41.88 18.42
C PHE D 42 -21.42 -41.26 17.02
N SER D 43 -20.34 -41.52 16.28
CA SER D 43 -20.16 -40.96 14.94
C SER D 43 -20.84 -41.79 13.85
N SER D 44 -21.37 -41.09 12.84
CA SER D 44 -22.04 -41.73 11.71
C SER D 44 -21.60 -41.12 10.38
N SER D 45 -20.29 -40.99 10.22
CA SER D 45 -19.65 -40.45 9.00
C SER D 45 -20.08 -39.02 8.64
N GLU D 46 -20.37 -38.21 9.66
CA GLU D 46 -20.73 -36.80 9.44
C GLU D 46 -19.66 -36.07 8.67
N LYS D 47 -20.09 -35.25 7.71
CA LYS D 47 -19.16 -34.49 6.87
C LYS D 47 -18.68 -33.25 7.61
N VAL D 48 -17.38 -33.21 7.89
CA VAL D 48 -16.79 -32.10 8.62
C VAL D 48 -15.85 -31.28 7.75
N GLY D 49 -16.13 -29.99 7.64
CA GLY D 49 -15.28 -29.07 6.89
C GLY D 49 -14.30 -28.37 7.79
N ILE D 50 -13.01 -28.54 7.50
CA ILE D 50 -11.92 -27.92 8.26
C ILE D 50 -11.43 -26.69 7.49
N VAL D 51 -11.55 -25.53 8.12
CA VAL D 51 -11.21 -24.26 7.47
C VAL D 51 -9.96 -23.64 8.12
N PRO D 52 -8.87 -23.52 7.34
CA PRO D 52 -7.68 -22.81 7.83
C PRO D 52 -8.01 -21.35 8.11
N VAL D 53 -7.36 -20.77 9.13
CA VAL D 53 -7.63 -19.39 9.53
C VAL D 53 -6.31 -18.63 9.68
N THR D 54 -6.20 -17.49 8.99
CA THR D 54 -4.95 -16.72 8.91
C THR D 54 -4.87 -15.57 9.92
N SER D 55 -5.89 -15.42 10.77
CA SER D 55 -5.93 -14.30 11.71
C SER D 55 -4.94 -14.49 12.88
N GLY D 56 -4.54 -13.38 13.49
CA GLY D 56 -3.56 -13.40 14.58
C GLY D 56 -2.23 -13.94 14.08
N ASN D 57 -1.68 -14.91 14.81
CA ASN D 57 -0.42 -15.55 14.44
C ASN D 57 -0.49 -16.33 13.13
N GLY D 58 -1.72 -16.61 12.68
CA GLY D 58 -1.96 -17.19 11.37
C GLY D 58 -2.02 -18.70 11.33
N ILE D 59 -1.84 -19.26 10.13
CA ILE D 59 -1.89 -20.69 9.91
C ILE D 59 -0.70 -21.40 10.59
N ILE D 60 -1.01 -22.40 11.41
CA ILE D 60 -0.02 -23.24 12.06
C ILE D 60 0.25 -24.45 11.18
N GLY D 61 1.53 -24.68 10.87
CA GLY D 61 1.94 -25.84 10.08
C GLY D 61 1.44 -27.13 10.70
N ASN D 62 0.88 -28.00 9.85
CA ASN D 62 0.36 -29.30 10.26
C ASN D 62 -1.01 -29.27 10.97
N PHE D 63 -1.53 -28.08 11.27
CA PHE D 63 -2.78 -27.97 12.05
C PHE D 63 -4.00 -28.62 11.39
N SER D 64 -4.36 -28.15 10.20
CA SER D 64 -5.53 -28.65 9.48
C SER D 64 -5.35 -30.10 9.01
N ALA D 65 -4.13 -30.45 8.63
CA ALA D 65 -3.78 -31.81 8.22
C ALA D 65 -3.93 -32.79 9.37
N SER D 66 -3.54 -32.37 10.57
CA SER D 66 -3.73 -33.16 11.78
C SER D 66 -5.20 -33.31 12.12
N LEU D 67 -5.95 -32.20 12.03
CA LEU D 67 -7.39 -32.22 12.22
C LEU D 67 -8.07 -33.19 11.25
N HIS D 68 -7.59 -33.20 10.01
CA HIS D 68 -8.08 -34.12 8.99
C HIS D 68 -7.80 -35.57 9.39
N ALA D 69 -6.59 -35.83 9.88
CA ALA D 69 -6.21 -37.15 10.35
C ALA D 69 -7.02 -37.57 11.59
N ILE D 70 -7.16 -36.65 12.54
CA ILE D 70 -7.92 -36.90 13.78
C ILE D 70 -9.38 -37.25 13.50
N THR D 71 -10.01 -36.48 12.64
CA THR D 71 -11.42 -36.68 12.28
C THR D 71 -11.61 -37.99 11.52
N GLN D 72 -10.71 -38.28 10.58
CA GLN D 72 -10.73 -39.56 9.84
C GLN D 72 -10.55 -40.75 10.76
N TYR D 73 -9.75 -40.57 11.82
CA TYR D 73 -9.48 -41.60 12.82
C TYR D 73 -10.75 -42.00 13.58
N PHE D 74 -11.58 -41.01 13.90
CA PHE D 74 -12.83 -41.26 14.64
C PHE D 74 -14.03 -41.50 13.73
N GLY D 75 -13.76 -41.71 12.45
CA GLY D 75 -14.79 -42.16 11.50
C GLY D 75 -15.61 -41.07 10.84
N PHE D 76 -15.10 -39.83 10.85
CA PHE D 76 -15.79 -38.72 10.20
C PHE D 76 -15.35 -38.55 8.74
N ASP D 77 -16.26 -38.03 7.92
CA ASP D 77 -15.98 -37.74 6.52
C ASP D 77 -15.48 -36.30 6.38
N SER D 78 -14.19 -36.09 6.65
CA SER D 78 -13.64 -34.74 6.71
C SER D 78 -12.89 -34.30 5.45
N PHE D 79 -12.75 -32.99 5.30
CA PHE D 79 -11.97 -32.37 4.23
C PHE D 79 -11.43 -31.02 4.68
N VAL D 80 -10.30 -30.63 4.10
CA VAL D 80 -9.76 -29.28 4.32
C VAL D 80 -10.04 -28.44 3.08
N THR D 81 -10.60 -27.25 3.31
CA THR D 81 -10.88 -26.31 2.23
C THR D 81 -9.58 -25.71 1.70
N ASP D 82 -9.58 -25.37 0.41
CA ASP D 82 -8.41 -24.76 -0.24
C ASP D 82 -8.18 -23.33 0.23
N MET D 83 -9.25 -22.55 0.30
CA MET D 83 -9.20 -21.17 0.77
C MET D 83 -9.28 -21.10 2.29
N PRO D 84 -8.65 -20.06 2.89
CA PRO D 84 -8.82 -19.87 4.32
C PRO D 84 -9.97 -18.91 4.66
N ASP D 85 -10.19 -18.71 5.95
CA ASP D 85 -11.06 -17.64 6.47
C ASP D 85 -12.51 -17.69 5.98
N VAL D 86 -13.07 -16.54 5.61
CA VAL D 86 -14.48 -16.43 5.17
C VAL D 86 -14.69 -17.17 3.83
N SER D 87 -13.73 -17.05 2.92
CA SER D 87 -13.78 -17.76 1.65
C SER D 87 -13.79 -19.28 1.85
N GLY D 88 -12.96 -19.75 2.78
CA GLY D 88 -12.91 -21.17 3.13
C GLY D 88 -14.20 -21.65 3.78
N TYR D 89 -14.77 -20.81 4.63
CA TYR D 89 -16.07 -21.10 5.26
C TYR D 89 -17.15 -21.29 4.20
N TYR D 90 -17.18 -20.39 3.22
CA TYR D 90 -18.10 -20.46 2.08
C TYR D 90 -17.87 -21.76 1.30
N GLU D 91 -16.61 -22.09 1.07
CA GLU D 91 -16.21 -23.33 0.40
C GLU D 91 -16.70 -24.57 1.16
N ALA D 92 -16.52 -24.55 2.48
CA ALA D 92 -16.96 -25.65 3.34
C ALA D 92 -18.47 -25.90 3.24
N VAL D 93 -19.26 -24.85 3.46
CA VAL D 93 -20.73 -24.95 3.39
C VAL D 93 -21.20 -25.40 2.00
N GLN D 94 -20.60 -24.83 0.95
CA GLN D 94 -20.88 -25.23 -0.44
C GLN D 94 -20.65 -26.72 -0.68
N ASN D 95 -19.53 -27.24 -0.17
CA ASN D 95 -19.17 -28.64 -0.34
C ASN D 95 -19.90 -29.59 0.63
N GLY D 96 -20.93 -29.07 1.30
CA GLY D 96 -21.83 -29.87 2.11
C GLY D 96 -21.33 -30.29 3.48
N ALA D 97 -20.48 -29.46 4.08
CA ALA D 97 -20.00 -29.70 5.45
C ALA D 97 -21.16 -29.60 6.44
N GLU D 98 -21.28 -30.60 7.30
CA GLU D 98 -22.32 -30.64 8.32
C GLU D 98 -21.79 -30.08 9.64
N ILE D 99 -20.51 -30.31 9.90
CA ILE D 99 -19.81 -29.71 11.03
C ILE D 99 -18.67 -28.85 10.50
N ILE D 100 -18.58 -27.61 11.01
CA ILE D 100 -17.48 -26.72 10.69
C ILE D 100 -16.46 -26.77 11.82
N LEU D 101 -15.19 -26.98 11.46
CA LEU D 101 -14.09 -27.01 12.42
C LEU D 101 -13.09 -25.91 12.05
N MET D 102 -12.89 -24.97 12.96
CA MET D 102 -11.99 -23.83 12.70
C MET D 102 -11.49 -23.18 13.99
N ALA D 103 -10.32 -22.55 13.90
CA ALA D 103 -9.69 -21.94 15.06
C ALA D 103 -8.96 -20.66 14.70
N ASP D 104 -9.18 -19.61 15.50
CA ASP D 104 -8.23 -18.51 15.54
C ASP D 104 -7.36 -18.67 16.80
N ASP D 105 -6.62 -17.64 17.19
CA ASP D 105 -5.70 -17.75 18.34
C ASP D 105 -6.40 -17.89 19.68
N ARG D 106 -7.64 -17.43 19.77
CA ARG D 106 -8.38 -17.38 21.02
C ARG D 106 -9.48 -18.44 21.14
N THR D 107 -10.05 -18.84 20.01
CA THR D 107 -11.17 -19.79 20.00
C THR D 107 -10.98 -20.89 18.95
N PHE D 108 -11.08 -22.13 19.41
CA PHE D 108 -11.15 -23.29 18.51
C PHE D 108 -12.53 -23.90 18.69
N LEU D 109 -13.34 -23.86 17.63
CA LEU D 109 -14.73 -24.28 17.71
C LEU D 109 -15.13 -25.41 16.76
N ALA D 110 -16.21 -26.09 17.12
CA ALA D 110 -16.89 -27.05 16.26
C ALA D 110 -18.36 -26.66 16.22
N HIS D 111 -18.86 -26.35 15.03
CA HIS D 111 -20.26 -25.96 14.86
C HIS D 111 -21.01 -26.97 14.00
N ASN D 112 -21.93 -27.69 14.63
CA ASN D 112 -22.78 -28.64 13.92
C ASN D 112 -24.00 -27.91 13.35
N LEU D 113 -24.06 -27.85 12.02
CA LEU D 113 -25.13 -27.17 11.32
C LEU D 113 -26.42 -27.99 11.31
N LYS D 114 -26.28 -29.29 11.55
CA LYS D 114 -27.42 -30.22 11.55
C LYS D 114 -28.35 -30.02 12.75
N ASN D 115 -27.78 -29.62 13.90
CA ASN D 115 -28.58 -29.41 15.10
C ASN D 115 -28.34 -28.08 15.81
N GLY D 116 -27.39 -27.30 15.29
CA GLY D 116 -27.09 -25.97 15.83
C GLY D 116 -26.17 -25.95 17.03
N LYS D 117 -25.72 -27.13 17.46
CA LYS D 117 -24.83 -27.25 18.62
C LYS D 117 -23.43 -26.78 18.29
N MET D 118 -22.79 -26.12 19.26
CA MET D 118 -21.45 -25.57 19.07
C MET D 118 -20.57 -25.82 20.29
N ALA D 119 -19.35 -26.27 20.03
CA ALA D 119 -18.39 -26.61 21.09
C ALA D 119 -17.22 -25.63 21.11
N ASN D 120 -16.73 -25.34 22.31
CA ASN D 120 -15.46 -24.63 22.50
C ASN D 120 -14.40 -25.61 22.98
N ASN D 121 -13.21 -25.54 22.37
CA ASN D 121 -12.11 -26.48 22.66
C ASN D 121 -11.67 -26.52 24.12
N GLN D 122 -11.64 -25.36 24.76
CA GLN D 122 -11.11 -25.25 26.12
C GLN D 122 -11.91 -26.03 27.17
N PRO D 123 -13.24 -25.80 27.26
CA PRO D 123 -14.02 -26.63 28.18
C PRO D 123 -14.13 -28.10 27.73
N CYS D 124 -14.14 -28.34 26.42
CA CYS D 124 -14.23 -29.71 25.90
C CYS D 124 -12.99 -30.53 26.25
N THR D 125 -11.81 -29.91 26.11
CA THR D 125 -10.54 -30.55 26.44
C THR D 125 -10.43 -30.78 27.95
N GLY D 126 -10.82 -29.77 28.74
CA GLY D 126 -10.80 -29.85 30.19
C GLY D 126 -11.63 -30.99 30.73
N ILE D 127 -12.86 -31.10 30.23
CA ILE D 127 -13.81 -32.12 30.66
C ILE D 127 -13.34 -33.55 30.33
N ILE D 128 -12.91 -33.78 29.08
CA ILE D 128 -12.50 -35.13 28.67
C ILE D 128 -11.25 -35.63 29.41
N TYR D 129 -10.25 -34.76 29.58
CA TYR D 129 -9.04 -35.12 30.31
C TYR D 129 -9.32 -35.34 31.80
N ALA D 130 -10.27 -34.57 32.35
CA ALA D 130 -10.71 -34.77 33.74
C ALA D 130 -11.50 -36.06 33.88
N GLU D 131 -12.31 -36.38 32.88
CA GLU D 131 -13.10 -37.61 32.86
C GLU D 131 -12.21 -38.84 32.75
N ILE D 132 -11.20 -38.78 31.88
CA ILE D 132 -10.22 -39.86 31.73
C ILE D 132 -9.50 -40.10 33.07
N ALA D 133 -9.12 -39.02 33.73
CA ALA D 133 -8.48 -39.08 35.04
C ALA D 133 -9.39 -39.71 36.10
N SER D 134 -10.65 -39.30 36.12
CA SER D 134 -11.63 -39.77 37.10
C SER D 134 -11.99 -41.24 36.93
N ARG D 135 -11.83 -41.75 35.71
CA ARG D 135 -12.18 -43.12 35.37
C ARG D 135 -11.01 -44.10 35.52
N TYR D 136 -9.96 -43.67 36.22
CA TYR D 136 -8.83 -44.56 36.54
C TYR D 136 -9.30 -45.71 37.44
N LEU D 137 -9.15 -46.92 36.91
CA LEU D 137 -9.69 -48.13 37.54
C LEU D 137 -9.01 -48.53 38.83
N LYS D 138 -7.71 -48.27 38.91
CA LYS D 138 -6.89 -48.66 40.06
C LYS D 138 -6.65 -47.48 41.00
N ALA D 139 -7.67 -46.62 41.12
CA ALA D 139 -7.57 -45.32 41.80
C ALA D 139 -7.47 -45.40 43.33
N ASP D 140 -8.06 -46.45 43.91
CA ASP D 140 -8.19 -46.66 45.37
C ASP D 140 -8.97 -45.59 46.17
N SER D 141 -8.80 -44.32 45.82
CA SER D 141 -9.46 -43.21 46.52
C SER D 141 -10.16 -42.21 45.58
N LYS D 142 -10.93 -41.30 46.16
CA LYS D 142 -11.64 -40.26 45.42
C LYS D 142 -10.88 -38.93 45.36
N ASP D 143 -9.61 -38.96 45.79
CA ASP D 143 -8.77 -37.77 45.82
C ASP D 143 -8.16 -37.49 44.44
N VAL D 144 -8.27 -36.25 44.00
CA VAL D 144 -7.69 -35.81 42.72
C VAL D 144 -6.98 -34.46 42.86
N LEU D 145 -5.81 -34.35 42.24
CA LEU D 145 -5.02 -33.13 42.26
C LEU D 145 -5.06 -32.43 40.91
N VAL D 146 -5.46 -31.16 40.92
CA VAL D 146 -5.57 -30.36 39.70
C VAL D 146 -4.55 -29.21 39.71
N VAL D 147 -3.60 -29.26 38.79
CA VAL D 147 -2.59 -28.21 38.64
C VAL D 147 -2.89 -27.39 37.38
N GLY D 148 -3.09 -26.08 37.56
CA GLY D 148 -3.46 -25.19 36.47
C GLY D 148 -4.97 -25.07 36.39
N LEU D 149 -5.49 -23.87 36.65
CA LEU D 149 -6.93 -23.65 36.70
C LEU D 149 -7.38 -22.55 35.74
N GLY D 150 -6.78 -22.54 34.56
CA GLY D 150 -7.11 -21.55 33.52
C GLY D 150 -8.27 -22.00 32.65
N LYS D 151 -8.19 -21.68 31.36
CA LYS D 151 -9.28 -21.95 30.41
C LYS D 151 -9.60 -23.45 30.26
N VAL D 152 -8.58 -24.29 30.45
CA VAL D 152 -8.75 -25.75 30.35
C VAL D 152 -8.91 -26.38 31.75
N GLY D 153 -8.09 -25.93 32.69
CA GLY D 153 -8.09 -26.49 34.04
C GLY D 153 -9.35 -26.26 34.85
N PHE D 154 -9.88 -25.04 34.78
CA PHE D 154 -11.08 -24.66 35.55
C PHE D 154 -12.30 -25.53 35.24
N PRO D 155 -12.69 -25.66 33.95
CA PRO D 155 -13.81 -26.56 33.64
C PRO D 155 -13.49 -28.04 33.90
N GLY D 156 -12.21 -28.39 33.86
CA GLY D 156 -11.76 -29.74 34.22
C GLY D 156 -11.97 -30.03 35.70
N ALA D 157 -11.64 -29.04 36.53
CA ALA D 157 -11.86 -29.13 37.97
C ALA D 157 -13.36 -29.11 38.31
N GLU D 158 -14.12 -28.29 37.58
CA GLU D 158 -15.56 -28.16 37.76
C GLU D 158 -16.28 -29.47 37.47
N HIS D 159 -15.81 -30.17 36.44
CA HIS D 159 -16.35 -31.47 36.05
C HIS D 159 -16.09 -32.53 37.12
N LEU D 160 -14.92 -32.47 37.75
CA LEU D 160 -14.54 -33.41 38.80
C LEU D 160 -15.33 -33.20 40.10
N VAL D 161 -15.65 -31.94 40.40
CA VAL D 161 -16.46 -31.58 41.57
C VAL D 161 -17.89 -32.14 41.44
N GLN D 162 -18.46 -31.97 40.25
CA GLN D 162 -19.82 -32.44 39.96
C GLN D 162 -19.92 -33.96 39.89
N LYS D 163 -18.76 -34.63 39.90
CA LYS D 163 -18.71 -36.09 39.93
C LYS D 163 -18.39 -36.63 41.33
N ASP D 164 -18.57 -35.78 42.33
CA ASP D 164 -18.38 -36.12 43.75
C ASP D 164 -16.95 -36.56 44.12
N PHE D 165 -15.96 -35.97 43.46
CA PHE D 165 -14.55 -36.23 43.79
C PHE D 165 -14.02 -35.21 44.78
N ARG D 166 -13.07 -35.64 45.61
CA ARG D 166 -12.37 -34.74 46.52
C ARG D 166 -11.27 -34.03 45.73
N VAL D 167 -11.54 -32.79 45.32
CA VAL D 167 -10.67 -32.06 44.40
C VAL D 167 -9.73 -31.10 45.13
N TYR D 168 -8.43 -31.34 44.96
CA TYR D 168 -7.39 -30.44 45.44
C TYR D 168 -6.83 -29.65 44.26
N GLY D 169 -6.77 -28.33 44.39
CA GLY D 169 -6.37 -27.47 43.29
C GLY D 169 -5.19 -26.58 43.57
N TYR D 170 -4.35 -26.39 42.54
CA TYR D 170 -3.23 -25.46 42.63
C TYR D 170 -3.00 -24.70 41.31
N ASP D 171 -2.70 -23.42 41.45
CA ASP D 171 -2.33 -22.57 40.34
C ASP D 171 -1.34 -21.52 40.84
N ALA D 172 -0.31 -21.25 40.05
CA ALA D 172 0.74 -20.28 40.42
C ALA D 172 0.23 -18.84 40.53
N ASP D 173 -0.85 -18.54 39.82
CA ASP D 173 -1.53 -17.25 39.94
C ASP D 173 -2.38 -17.24 41.21
N GLU D 174 -2.01 -16.37 42.14
CA GLU D 174 -2.64 -16.27 43.47
C GLU D 174 -4.14 -15.97 43.41
N THR D 175 -4.51 -14.92 42.68
CA THR D 175 -5.90 -14.48 42.57
C THR D 175 -6.77 -15.50 41.83
N LEU D 176 -6.16 -16.21 40.89
CA LEU D 176 -6.84 -17.21 40.08
C LEU D 176 -7.16 -18.47 40.90
N LEU D 177 -6.28 -18.79 41.84
CA LEU D 177 -6.51 -19.90 42.77
C LEU D 177 -7.64 -19.58 43.75
N GLU D 178 -7.73 -18.30 44.15
CA GLU D 178 -8.80 -17.83 45.03
C GLU D 178 -10.19 -17.96 44.40
N ARG D 179 -10.27 -17.60 43.12
CA ARG D 179 -11.53 -17.65 42.37
C ARG D 179 -12.07 -19.07 42.22
N ALA D 180 -11.16 -20.03 42.02
CA ALA D 180 -11.54 -21.43 41.86
C ALA D 180 -11.96 -22.07 43.19
N THR D 181 -11.33 -21.63 44.29
CA THR D 181 -11.66 -22.15 45.62
C THR D 181 -13.01 -21.65 46.12
N SER D 182 -13.38 -20.43 45.70
CA SER D 182 -14.65 -19.83 46.12
C SER D 182 -15.83 -20.25 45.23
N ASN D 183 -15.60 -20.27 43.92
CA ASN D 183 -16.65 -20.62 42.96
C ASN D 183 -16.98 -22.11 42.92
N LEU D 184 -15.97 -22.95 43.13
CA LEU D 184 -16.11 -24.41 43.03
C LEU D 184 -16.09 -25.11 44.38
N GLY D 185 -15.57 -24.42 45.40
CA GLY D 185 -15.46 -24.97 46.75
C GLY D 185 -14.42 -26.07 46.87
N ILE D 186 -13.32 -25.91 46.14
CA ILE D 186 -12.23 -26.89 46.15
C ILE D 186 -11.18 -26.55 47.21
N ILE D 187 -10.46 -27.59 47.66
CA ILE D 187 -9.43 -27.43 48.68
C ILE D 187 -8.15 -26.87 48.07
N PRO D 188 -7.63 -25.75 48.61
CA PRO D 188 -6.37 -25.18 48.13
C PRO D 188 -5.19 -26.07 48.49
N PHE D 189 -4.46 -26.52 47.48
CA PHE D 189 -3.30 -27.38 47.67
C PHE D 189 -2.08 -26.56 48.08
N ASP D 190 -1.42 -26.99 49.16
CA ASP D 190 -0.22 -26.35 49.65
C ASP D 190 1.02 -27.14 49.23
N PRO D 191 1.89 -26.53 48.41
CA PRO D 191 3.14 -27.17 47.97
C PRO D 191 4.10 -27.49 49.12
N ALA D 192 3.98 -26.76 50.23
CA ALA D 192 4.80 -26.97 51.41
C ALA D 192 4.42 -28.26 52.15
N ASN D 193 3.11 -28.54 52.19
CA ASN D 193 2.61 -29.78 52.79
C ASN D 193 1.87 -30.64 51.75
N PRO D 194 2.61 -31.49 51.03
CA PRO D 194 2.03 -32.26 49.93
C PRO D 194 1.54 -33.66 50.33
N LYS D 195 0.46 -34.09 49.69
CA LYS D 195 -0.03 -35.46 49.81
C LYS D 195 0.37 -36.25 48.58
N LYS D 196 0.31 -37.57 48.67
CA LYS D 196 0.49 -38.44 47.51
C LYS D 196 -0.85 -38.66 46.80
N PHE D 197 -0.84 -38.54 45.48
CA PHE D 197 -2.05 -38.72 44.68
C PHE D 197 -1.91 -39.86 43.68
N SER D 198 -3.02 -40.58 43.46
CA SER D 198 -3.08 -41.60 42.42
C SER D 198 -3.71 -41.05 41.14
N ILE D 199 -4.39 -39.92 41.26
CA ILE D 199 -5.02 -39.23 40.13
C ILE D 199 -4.58 -37.76 40.09
N ILE D 200 -3.94 -37.37 38.98
CA ILE D 200 -3.50 -35.99 38.79
C ILE D 200 -3.93 -35.45 37.42
N PHE D 201 -4.55 -34.28 37.44
CA PHE D 201 -4.95 -33.57 36.22
C PHE D 201 -4.15 -32.26 36.13
N GLU D 202 -3.49 -32.04 34.99
CA GLU D 202 -2.67 -30.86 34.81
C GLU D 202 -2.97 -30.15 33.49
N ALA D 203 -3.20 -28.85 33.56
CA ALA D 203 -3.46 -28.05 32.37
C ALA D 203 -2.65 -26.76 32.47
N THR D 204 -1.37 -26.86 32.12
CA THR D 204 -0.42 -25.76 32.27
C THR D 204 0.56 -25.74 31.08
N PRO D 205 0.96 -24.53 30.62
CA PRO D 205 1.94 -24.44 29.53
C PRO D 205 3.39 -24.59 29.98
N CYS D 206 3.63 -25.14 31.17
CA CYS D 206 4.97 -25.21 31.75
C CYS D 206 5.42 -26.64 32.04
N ALA D 207 6.75 -26.85 32.02
CA ALA D 207 7.35 -28.13 32.37
C ALA D 207 7.51 -28.26 33.88
N ASN D 208 7.78 -29.48 34.34
CA ASN D 208 8.08 -29.78 35.76
C ASN D 208 7.13 -29.12 36.78
N THR D 209 5.83 -29.19 36.54
CA THR D 209 4.84 -28.60 37.44
C THR D 209 4.35 -29.59 38.49
N ILE D 210 4.67 -30.87 38.30
CA ILE D 210 4.27 -31.94 39.21
C ILE D 210 5.47 -32.41 40.02
N PRO D 211 5.52 -32.00 41.31
CA PRO D 211 6.64 -32.36 42.20
C PRO D 211 6.69 -33.84 42.54
N GLU D 212 7.87 -34.33 42.92
CA GLU D 212 8.07 -35.73 43.28
C GLU D 212 7.18 -36.17 44.45
N ALA D 213 7.08 -35.33 45.47
CA ALA D 213 6.35 -35.63 46.70
C ALA D 213 4.85 -35.88 46.48
N VAL D 214 4.31 -35.30 45.41
CA VAL D 214 2.88 -35.40 45.13
C VAL D 214 2.50 -36.73 44.43
N LEU D 215 3.52 -37.46 43.97
CA LEU D 215 3.32 -38.69 43.21
C LEU D 215 3.28 -39.94 44.07
N SER D 216 2.51 -40.93 43.61
CA SER D 216 2.58 -42.29 44.12
C SER D 216 2.85 -43.18 42.91
N GLU D 217 3.36 -44.40 43.14
CA GLU D 217 3.71 -45.26 42.00
C GLU D 217 2.47 -45.75 41.24
N ASN D 218 2.62 -45.85 39.91
CA ASN D 218 1.54 -46.24 39.01
C ASN D 218 0.36 -45.26 38.94
N CYS D 219 0.59 -44.03 39.39
CA CYS D 219 -0.44 -42.99 39.37
C CYS D 219 -0.71 -42.48 37.96
N VAL D 220 -1.91 -41.95 37.75
CA VAL D 220 -2.30 -41.44 36.45
C VAL D 220 -2.16 -39.92 36.38
N LEU D 221 -1.44 -39.46 35.37
CA LEU D 221 -1.35 -38.04 35.05
C LEU D 221 -2.05 -37.79 33.72
N SER D 222 -3.23 -37.18 33.80
CA SER D 222 -4.00 -36.80 32.62
C SER D 222 -3.71 -35.33 32.35
N THR D 223 -3.00 -35.05 31.25
CA THR D 223 -2.53 -33.69 30.97
C THR D 223 -2.57 -33.31 29.48
N PRO D 224 -3.36 -32.27 29.15
CA PRO D 224 -3.30 -31.67 27.81
C PRO D 224 -2.18 -30.64 27.67
N GLY D 225 -1.60 -30.22 28.79
CA GLY D 225 -0.57 -29.17 28.82
C GLY D 225 0.68 -29.50 28.02
N ILE D 226 1.29 -28.47 27.43
CA ILE D 226 2.51 -28.61 26.64
C ILE D 226 3.51 -27.55 27.10
N PRO D 227 4.79 -27.93 27.36
CA PRO D 227 5.33 -29.30 27.35
C PRO D 227 4.90 -30.15 28.54
N CYS D 228 5.49 -31.34 28.66
CA CYS D 228 5.10 -32.31 29.68
C CYS D 228 5.28 -31.80 31.11
N ALA D 229 4.24 -31.99 31.92
CA ALA D 229 4.21 -31.54 33.30
C ALA D 229 5.19 -32.29 34.20
N ILE D 230 5.60 -33.47 33.75
CA ILE D 230 6.49 -34.32 34.52
C ILE D 230 7.77 -34.61 33.72
N SER D 231 8.90 -34.64 34.41
CA SER D 231 10.17 -35.00 33.79
C SER D 231 10.20 -36.49 33.45
N GLU D 232 11.03 -36.86 32.47
CA GLU D 232 11.19 -38.26 32.06
C GLU D 232 11.68 -39.12 33.22
N GLU D 233 12.53 -38.54 34.07
CA GLU D 233 13.09 -39.23 35.22
C GLU D 233 12.03 -39.60 36.25
N LEU D 234 11.18 -38.63 36.59
CA LEU D 234 10.10 -38.84 37.57
C LEU D 234 8.99 -39.74 37.03
N ARG D 235 8.78 -39.69 35.72
CA ARG D 235 7.80 -40.55 35.05
C ARG D 235 8.24 -42.02 35.12
N ASP D 236 9.52 -42.27 34.84
CA ASP D 236 10.10 -43.62 34.85
C ASP D 236 10.25 -44.18 36.27
N LYS D 237 10.64 -43.31 37.20
CA LYS D 237 10.86 -43.69 38.60
C LYS D 237 9.58 -44.14 39.29
N TYR D 238 8.47 -43.47 38.97
CA TYR D 238 7.18 -43.76 39.60
C TYR D 238 6.23 -44.53 38.68
N GLU D 239 6.72 -44.95 37.52
CA GLU D 239 5.92 -45.64 36.50
C GLU D 239 4.57 -44.96 36.26
N VAL D 240 4.63 -43.65 36.05
CA VAL D 240 3.44 -42.82 35.87
C VAL D 240 2.74 -43.18 34.56
N GLN D 241 1.43 -43.42 34.66
CA GLN D 241 0.61 -43.71 33.50
C GLN D 241 0.15 -42.39 32.87
N LEU D 242 0.83 -42.01 31.78
CA LEU D 242 0.67 -40.71 31.17
C LEU D 242 -0.43 -40.71 30.12
N ILE D 243 -1.37 -39.78 30.27
CA ILE D 243 -2.34 -39.47 29.23
C ILE D 243 -2.02 -38.07 28.74
N ALA D 244 -1.31 -37.98 27.62
CA ALA D 244 -0.86 -36.70 27.06
C ALA D 244 -0.89 -36.74 25.54
N GLU D 245 -1.62 -35.80 24.96
CA GLU D 245 -1.82 -35.77 23.51
C GLU D 245 -2.16 -34.32 23.10
N PRO D 246 -1.51 -33.81 22.03
CA PRO D 246 -1.58 -32.37 21.73
C PRO D 246 -2.89 -31.82 21.12
N LEU D 247 -3.70 -32.66 20.48
CA LEU D 247 -4.87 -32.14 19.76
C LEU D 247 -6.05 -33.10 19.63
N GLY D 248 -5.76 -34.37 19.34
CA GLY D 248 -6.78 -35.38 19.05
C GLY D 248 -7.86 -35.62 20.09
N ILE D 249 -7.46 -35.73 21.36
CA ILE D 249 -8.40 -36.03 22.44
C ILE D 249 -9.40 -34.88 22.63
N GLY D 250 -8.88 -33.66 22.68
CA GLY D 250 -9.72 -32.46 22.80
C GLY D 250 -10.67 -32.29 21.63
N THR D 251 -10.17 -32.58 20.43
CA THR D 251 -10.97 -32.49 19.20
C THR D 251 -12.11 -33.51 19.21
N ALA D 252 -11.80 -34.73 19.64
CA ALA D 252 -12.80 -35.79 19.77
C ALA D 252 -13.93 -35.38 20.71
N SER D 253 -13.57 -34.79 21.85
CA SER D 253 -14.53 -34.27 22.82
C SER D 253 -15.44 -33.22 22.21
N MET D 254 -14.87 -32.31 21.42
CA MET D 254 -15.62 -31.27 20.72
C MET D 254 -16.67 -31.87 19.79
N LEU D 255 -16.22 -32.75 18.90
CA LEU D 255 -17.07 -33.33 17.87
C LEU D 255 -18.21 -34.17 18.45
N TYR D 256 -17.91 -34.96 19.48
CA TYR D 256 -18.92 -35.80 20.10
C TYR D 256 -19.91 -34.99 20.95
N SER D 257 -19.49 -33.83 21.44
CA SER D 257 -20.38 -32.95 22.22
C SER D 257 -21.47 -32.28 21.37
N VAL D 258 -21.26 -32.22 20.05
CA VAL D 258 -22.19 -31.52 19.16
C VAL D 258 -23.08 -32.44 18.32
N LEU D 259 -22.78 -33.74 18.33
CA LEU D 259 -23.53 -34.72 17.54
C LEU D 259 -24.95 -34.92 18.06
PA NAI E . -2.84 6.60 -7.47
O1A NAI E . -4.17 6.01 -7.09
O2A NAI E . -2.03 7.35 -6.45
O5B NAI E . -3.05 7.52 -8.78
C5B NAI E . -3.86 7.09 -9.85
C4B NAI E . -4.61 8.31 -10.38
O4B NAI E . -5.19 8.04 -11.65
C3B NAI E . -5.74 8.75 -9.45
O3B NAI E . -5.51 10.11 -9.09
C2B NAI E . -6.99 8.61 -10.29
O2B NAI E . -7.94 9.65 -10.04
C1B NAI E . -6.45 8.69 -11.71
N9A NAI E . -7.35 8.10 -12.72
C8A NAI E . -8.07 6.97 -12.62
N7A NAI E . -8.78 6.74 -13.77
C5A NAI E . -8.51 7.75 -14.62
C6A NAI E . -8.91 8.14 -15.99
N6A NAI E . -9.77 7.38 -16.71
N1A NAI E . -8.39 9.26 -16.51
C2A NAI E . -7.53 10.04 -15.82
N3A NAI E . -7.12 9.75 -14.57
C4A NAI E . -7.56 8.64 -13.93
O3 NAI E . -1.98 5.37 -8.06
PN NAI E . -0.37 5.39 -8.19
O1N NAI E . 0.22 5.04 -6.86
O2N NAI E . 0.06 6.65 -8.89
O5D NAI E . -0.14 4.13 -9.18
C5D NAI E . -0.71 4.10 -10.48
C4D NAI E . -0.65 2.70 -11.10
O4D NAI E . 0.70 2.27 -11.28
C3D NAI E . -1.32 1.60 -10.28
O3D NAI E . -1.99 0.76 -11.22
C2D NAI E . -0.18 0.83 -9.65
O2D NAI E . -0.56 -0.54 -9.46
C1D NAI E . 0.90 0.96 -10.71
N1N NAI E . 2.30 0.96 -10.29
C2N NAI E . 3.15 0.43 -11.17
C3N NAI E . 4.52 0.37 -10.96
C7N NAI E . 5.39 -0.26 -12.01
O7N NAI E . 6.59 -0.36 -11.83
N7N NAI E . 4.81 -0.68 -13.15
C4N NAI E . 5.11 0.97 -9.70
C5N NAI E . 4.08 1.54 -8.82
C6N NAI E . 2.73 1.53 -9.15
C4 1J1 F . 3.84 -5.75 -1.35
C5 1J1 F . 4.12 -4.78 -2.50
C6 1J1 F . 2.91 -3.94 -2.85
C10 1J1 F . 3.09 -2.74 -4.93
C13 1J1 F . 5.14 -1.85 -7.73
O8 1J1 F . 6.96 -8.61 0.57
C1 1J1 F . 5.93 -8.76 -0.13
O9 1J1 F . 5.77 -9.74 -0.90
C2 1J1 F . 4.83 -7.73 -0.07
N18 1J1 F . 4.80 -7.03 1.25
C3 1J1 F . 4.98 -6.73 -1.22
N7 1J1 F . 3.35 -2.73 -3.58
O16 1J1 F . 2.38 -3.58 -5.47
C11 1J1 F . 3.72 -1.64 -5.76
C12 1J1 F . 5.10 -2.10 -6.23
C14 1J1 F . 3.69 -1.67 -8.15
N17 1J1 F . 2.90 -1.36 -6.96
NA NA G . -3.60 2.04 -16.75
MG MG H . 8.34 -0.72 -13.72
PA NAI I . 32.86 38.81 0.95
O1A NAI I . 33.94 39.86 1.04
O2A NAI I . 31.71 38.81 1.91
O5B NAI I . 33.54 37.36 0.97
C5B NAI I . 34.70 37.07 0.21
C4B NAI I . 35.64 36.26 1.06
O4B NAI I . 36.68 35.68 0.27
C3B NAI I . 36.32 37.12 2.13
O3B NAI I . 35.93 36.65 3.42
C2B NAI I . 37.81 36.89 1.92
O2B NAI I . 38.53 36.72 3.14
C1B NAI I . 37.86 35.63 1.08
N9A NAI I . 39.07 35.51 0.24
C8A NAI I . 39.66 36.47 -0.50
N7A NAI I . 40.76 35.99 -1.14
C5A NAI I . 40.88 34.69 -0.81
C6A NAI I . 41.80 33.56 -1.12
N6A NAI I . 42.87 33.72 -1.94
N1A NAI I . 41.54 32.37 -0.54
C2A NAI I . 40.51 32.16 0.27
N3A NAI I . 39.63 33.13 0.60
C4A NAI I . 39.76 34.38 0.11
O3 NAI I . 32.26 38.87 -0.55
PN NAI I . 30.85 38.22 -0.98
O1N NAI I . 29.78 39.25 -0.71
O2N NAI I . 30.71 36.85 -0.36
O5D NAI I . 31.01 38.07 -2.56
C5D NAI I . 32.00 37.23 -3.15
C4D NAI I . 32.18 37.54 -4.64
O4D NAI I . 30.99 37.23 -5.36
C3D NAI I . 32.47 39.00 -4.94
O3D NAI I . 33.41 39.00 -6.03
C2D NAI I . 31.16 39.57 -5.45
O2D NAI I . 31.37 40.65 -6.36
C1D NAI I . 30.58 38.35 -6.14
N1N NAI I . 29.12 38.26 -6.25
C2N NAI I . 28.68 37.65 -7.36
C3N NAI I . 27.33 37.44 -7.61
C7N NAI I . 26.93 36.76 -8.89
O7N NAI I . 25.75 36.62 -9.18
N7N NAI I . 27.89 36.30 -9.71
C4N NAI I . 26.30 37.89 -6.58
C5N NAI I . 26.91 38.52 -5.42
C6N NAI I . 28.30 38.67 -5.26
C4 1J1 J . 24.37 48.48 -7.41
C5 1J1 J . 24.59 46.97 -7.33
C6 1J1 J . 25.90 46.60 -6.67
C10 1J1 J . 26.44 44.26 -6.77
C13 1J1 J . 25.64 40.97 -7.88
O8 1J1 J . 20.84 50.56 -9.51
C1 1J1 J . 22.07 50.46 -9.81
O9 1J1 J . 22.48 50.51 -10.99
C2 1J1 J . 23.08 50.29 -8.72
N18 1J1 J . 22.70 51.03 -7.49
C3 1J1 J . 23.29 48.79 -8.45
N7 1J1 J . 25.79 45.25 -6.07
O16 1J1 J . 27.26 44.51 -7.65
C11 1J1 J . 26.14 42.84 -6.41
C12 1J1 J . 25.06 42.25 -7.31
C14 1J1 J . 27.13 41.01 -7.58
N17 1J1 J . 27.35 42.03 -6.53
NA NA K . 37.13 34.57 -7.45
MG MG L . 24.86 34.92 -10.83
PA NAI M . -14.00 -7.15 -11.14
O1A NAI M . -12.55 -6.73 -11.20
O2A NAI M . -14.35 -8.60 -10.88
O5B NAI M . -14.73 -6.70 -12.51
C5B NAI M . -14.56 -5.40 -13.04
C4B NAI M . -14.45 -5.50 -14.55
O4B NAI M . -14.54 -4.20 -15.16
C3B NAI M . -13.11 -6.09 -14.99
O3B NAI M . -13.37 -7.30 -15.70
C2B NAI M . -12.48 -5.04 -15.89
O2B NAI M . -11.85 -5.62 -17.03
C1B NAI M . -13.68 -4.19 -16.29
N9A NAI M . -13.32 -2.80 -16.68
C8A NAI M . -12.47 -1.98 -16.04
N7A NAI M . -12.38 -0.78 -16.69
C5A NAI M . -13.19 -0.84 -17.76
C6A NAI M . -13.57 0.07 -18.87
N6A NAI M . -13.05 1.32 -18.95
N1A NAI M . -14.44 -0.38 -19.80
C2A NAI M . -14.97 -1.63 -19.72
N3A NAI M . -14.67 -2.50 -18.75
C4A NAI M . -13.80 -2.18 -17.75
O3 NAI M . -14.74 -6.22 -10.05
PN NAI M . -16.16 -6.60 -9.41
O1N NAI M . -15.91 -7.53 -8.25
O2N NAI M . -17.08 -7.02 -10.53
O5D NAI M . -16.68 -5.20 -8.81
C5D NAI M . -16.85 -4.05 -9.63
C4D NAI M . -16.95 -2.80 -8.76
O4D NAI M . -18.10 -2.87 -7.91
C3D NAI M . -15.75 -2.62 -7.83
O3D NAI M . -15.44 -1.22 -7.82
C2D NAI M . -16.25 -3.01 -6.46
O2D NAI M . -15.58 -2.27 -5.44
C1D NAI M . -17.72 -2.63 -6.55
N1N NAI M . -18.64 -3.35 -5.67
C2N NAI M . -19.69 -2.65 -5.23
C3N NAI M . -20.67 -3.20 -4.40
C7N NAI M . -21.81 -2.33 -3.95
O7N NAI M . -22.68 -2.78 -3.22
N7N NAI M . -21.86 -1.06 -4.36
C4N NAI M . -20.58 -4.65 -3.98
C5N NAI M . -19.39 -5.32 -4.54
C6N NAI M . -18.48 -4.65 -5.37
C4 1J1 N . -13.77 -6.50 4.21
C5 1J1 N . -14.81 -6.40 3.09
C6 1J1 N . -14.16 -6.14 1.74
C10 1J1 N . -15.67 -5.43 0.02
C13 1J1 N . -18.85 -4.28 -0.86
O8 1J1 N . -14.29 -4.93 8.36
C1 1J1 N . -14.18 -6.12 8.01
O9 1J1 N . -14.63 -7.07 8.69
C2 1J1 N . -13.47 -6.43 6.72
N18 1J1 N . -12.71 -7.71 6.80
C3 1J1 N . -14.47 -6.48 5.57
N7 1J1 N . -15.07 -6.51 0.65
O16 1J1 N . -15.26 -4.28 0.18
C11 1J1 N . -16.85 -5.68 -0.86
C12 1J1 N . -18.14 -5.40 -0.11
C14 1J1 N . -17.88 -3.80 -1.93
N17 1J1 N . -16.81 -4.79 -2.05
NA NA O . -17.04 2.66 -11.78
MG MG P . -24.76 -1.60 -2.89
PA NAI Q . -4.37 -20.81 30.53
O1A NAI Q . -3.27 -19.79 30.42
O2A NAI Q . -5.80 -20.38 30.38
O5B NAI Q . -4.22 -21.56 31.95
C5B NAI Q . -2.96 -22.10 32.38
C4B NAI Q . -2.82 -21.87 33.87
O4B NAI Q . -1.69 -22.60 34.38
C3B NAI Q . -2.59 -20.41 34.22
O3B NAI Q . -3.69 -19.93 35.01
C2B NAI Q . -1.29 -20.38 35.02
O2B NAI Q . -1.38 -19.50 36.15
C1B NAI Q . -1.12 -21.83 35.45
N9A NAI Q . 0.29 -22.19 35.72
C8A NAI Q . 1.39 -21.87 34.99
N7A NAI Q . 2.51 -22.37 35.55
C5A NAI Q . 2.16 -23.04 36.67
C6A NAI Q . 2.84 -23.81 37.73
N6A NAI Q . 4.18 -23.98 37.73
N1A NAI Q . 2.08 -24.34 38.73
C2A NAI Q . 0.74 -24.19 38.76
N3A NAI Q . 0.06 -23.49 37.83
C4A NAI Q . 0.69 -22.91 36.77
O3 NAI Q . -4.03 -21.96 29.47
PN NAI Q . -5.14 -23.04 28.99
O1N NAI Q . -5.93 -22.39 27.89
O2N NAI Q . -5.85 -23.56 30.23
O5D NAI Q . -4.25 -24.23 28.37
C5D NAI Q . -3.25 -24.87 29.16
C4D NAI Q . -2.30 -25.66 28.26
O4D NAI Q . -3.02 -26.63 27.51
C3D NAI Q . -1.55 -24.80 27.25
O3D NAI Q . -0.20 -25.26 27.22
C2D NAI Q . -2.21 -25.10 25.92
O2D NAI Q . -1.27 -24.98 24.85
C1D NAI Q . -2.68 -26.53 26.12
N1N NAI Q . -3.82 -27.00 25.34
C2N NAI Q . -3.79 -28.30 24.99
C3N NAI Q . -4.80 -28.92 24.27
C7N NAI Q . -4.65 -30.38 23.92
O7N NAI Q . -5.51 -30.95 23.26
N7N NAI Q . -3.59 -31.04 24.36
C4N NAI Q . -6.02 -28.13 23.86
C5N NAI Q . -5.95 -26.73 24.29
C6N NAI Q . -4.87 -26.22 25.03
C4 1J1 R . -4.81 -21.63 15.34
C5 1J1 R . -5.09 -22.54 16.54
C6 1J1 R . -4.41 -22.04 17.81
C10 1J1 R . -4.47 -23.61 19.64
C13 1J1 R . -5.20 -26.88 20.56
O8 1J1 R . -5.99 -22.43 10.95
C1 1J1 R . -4.89 -22.40 11.56
O9 1J1 R . -3.89 -23.06 11.18
C2 1J1 R . -4.74 -21.55 12.79
N18 1J1 R . -5.67 -20.40 12.78
C3 1J1 R . -4.94 -22.42 14.04
N7 1J1 R . -5.13 -22.59 18.98
O16 1J1 R . -3.28 -23.83 19.46
C11 1J1 R . -5.25 -24.45 20.61
C12 1J1 R . -5.84 -25.67 19.91
C14 1J1 R . -4.11 -26.35 21.49
N17 1J1 R . -4.36 -24.92 21.70
NA NA S . 2.75 -28.54 31.10
MG MG T . -5.68 -33.50 23.12
#